data_1MW3
#
_entry.id   1MW3
#
_cell.length_a   97.409
_cell.length_b   115.810
_cell.length_c   61.136
_cell.angle_alpha   90.00
_cell.angle_beta   90.00
_cell.angle_gamma   90.00
#
_symmetry.space_group_name_H-M   'P 21 21 2'
#
loop_
_entity.id
_entity.type
_entity.pdbx_description
1 polymer amylosucrase
2 branched beta-D-fructofuranose-(2-1)-alpha-D-glucopyranose
3 non-polymer 2-AMINO-2-HYDROXYMETHYL-PROPANE-1,3-DIOL
4 water water
#
_entity_poly.entity_id   1
_entity_poly.type   'polypeptide(L)'
_entity_poly.pdbx_seq_one_letter_code
;SPNSQYLKTRILDIYTPEQRAGIEKSEDWRQFSRRMDTHFPKLMNELDSVYGNNEALLPMLEMLLAQAWQSYSQRNSSLK
DIDIARENNPDWILSNKQVGGVCYVDLFAGDLKGLKDKIPYFQELGLTYLHLMPLFKCPEGKSDGGYAVSSYRDVNPALG
TIGDLREVIAALHEAGISAVVDFIFNHTSNEHEWAQRCAAGDPLFDNFYYIFPDRRMPDQYDRTLREIFPDQHPGGFSQL
EDGRWVWTTFNSFQWDLNYSNPWVFRAMAGEMLFLANLGVDILRMDAVAFIWKQMGTSCENLPQAHALIRAFNAVMRIAA
PAVFFKSEAIVHPDQVVQYIGQDECQIGYNPLQMALLWNTLATREVNLLHQALTYRHNLPEHTAWVNYVRSHDDIGWTFA
DEDAAYLGISGYDHRQFLNRFFVNRFDGSFARGVPFQYNPSTGDCRVSGTAAALVGLAQDDPHAVDRIKLLYSIALSTGG
LPLIYLGDEVGTLNDDDWSQDSNKSDDSRWAHRPRYNEALYAQRNDPSTAAGQIYQDLRHMIAVRQSNPRFDGGRLVTFN
TNNKHIIGYIRNNALLAFGNFSEYPQTVTAHTLQAMPFKAHDLIGGKTVSLNQDLTLQPYQVMWLEIA
;
_entity_poly.pdbx_strand_id   A
#
loop_
_chem_comp.id
_chem_comp.type
_chem_comp.name
_chem_comp.formula
FRU D-saccharide, beta linking beta-D-fructofuranose 'C6 H12 O6'
GLC D-saccharide, alpha linking alpha-D-glucopyranose 'C6 H12 O6'
TRS non-polymer 2-AMINO-2-HYDROXYMETHYL-PROPANE-1,3-DIOL 'C4 H12 N O3 1'
#
# COMPACT_ATOMS: atom_id res chain seq x y z
N SER A 1 -21.76 25.03 -13.11
CA SER A 1 -20.36 25.08 -12.61
C SER A 1 -19.53 25.95 -13.55
N PRO A 2 -18.55 26.70 -13.01
CA PRO A 2 -17.68 27.56 -13.83
C PRO A 2 -16.75 26.75 -14.71
N ASN A 3 -15.96 27.42 -15.54
CA ASN A 3 -15.04 26.72 -16.44
C ASN A 3 -13.58 27.10 -16.26
N SER A 4 -12.70 26.29 -16.83
CA SER A 4 -11.26 26.50 -16.76
C SER A 4 -10.80 27.90 -17.15
N GLN A 5 -11.28 28.41 -18.28
CA GLN A 5 -10.89 29.73 -18.77
C GLN A 5 -11.23 30.83 -17.76
N TYR A 6 -12.47 30.81 -17.29
CA TYR A 6 -12.93 31.80 -16.32
C TYR A 6 -12.05 31.78 -15.07
N LEU A 7 -11.88 30.59 -14.50
CA LEU A 7 -11.08 30.43 -13.30
C LEU A 7 -9.65 30.94 -13.45
N LYS A 8 -9.04 30.66 -14.60
CA LYS A 8 -7.67 31.10 -14.86
C LYS A 8 -7.54 32.62 -14.91
N THR A 9 -8.51 33.30 -15.51
CA THR A 9 -8.43 34.76 -15.58
C THR A 9 -8.49 35.36 -14.19
N ARG A 10 -9.23 34.71 -13.28
CA ARG A 10 -9.32 35.21 -11.92
C ARG A 10 -8.08 34.91 -11.10
N ILE A 11 -7.39 33.83 -11.43
CA ILE A 11 -6.18 33.47 -10.73
C ILE A 11 -5.11 34.53 -11.02
N LEU A 12 -5.13 35.04 -12.24
CA LEU A 12 -4.16 36.03 -12.69
C LEU A 12 -4.43 37.43 -12.13
N ASP A 13 -5.64 37.66 -11.63
CA ASP A 13 -6.00 38.97 -11.08
C ASP A 13 -5.17 39.41 -9.87
N ILE A 14 -4.39 38.50 -9.30
CA ILE A 14 -3.57 38.88 -8.13
C ILE A 14 -2.31 39.63 -8.56
N TYR A 15 -2.04 39.63 -9.86
CA TYR A 15 -0.85 40.31 -10.39
C TYR A 15 -1.17 41.68 -10.94
N THR A 16 -0.14 42.52 -11.05
CA THR A 16 -0.29 43.84 -11.61
C THR A 16 -0.31 43.56 -13.13
N PRO A 17 -0.72 44.55 -13.93
CA PRO A 17 -0.78 44.35 -15.38
C PRO A 17 0.55 43.88 -16.00
N GLU A 18 1.66 44.49 -15.59
CA GLU A 18 2.97 44.13 -16.11
C GLU A 18 3.34 42.71 -15.71
N GLN A 19 3.07 42.35 -14.46
CA GLN A 19 3.36 41.00 -13.97
C GLN A 19 2.47 39.99 -14.69
N ARG A 20 1.19 40.33 -14.81
CA ARG A 20 0.23 39.45 -15.46
C ARG A 20 0.76 39.10 -16.85
N ALA A 21 1.07 40.14 -17.63
CA ALA A 21 1.59 39.95 -18.97
C ALA A 21 2.75 38.97 -18.95
N GLY A 22 3.66 39.15 -18.00
CA GLY A 22 4.81 38.27 -17.88
C GLY A 22 4.45 36.83 -17.55
N ILE A 23 3.48 36.67 -16.66
CA ILE A 23 3.04 35.33 -16.26
C ILE A 23 2.42 34.57 -17.43
N GLU A 24 1.57 35.25 -18.19
CA GLU A 24 0.89 34.62 -19.31
C GLU A 24 1.81 34.18 -20.45
N LYS A 25 3.06 34.63 -20.44
CA LYS A 25 3.99 34.24 -21.48
C LYS A 25 4.98 33.20 -20.98
N SER A 26 4.98 32.97 -19.67
CA SER A 26 5.89 32.00 -19.07
C SER A 26 5.54 30.55 -19.38
N GLU A 27 6.57 29.72 -19.46
CA GLU A 27 6.39 28.30 -19.74
C GLU A 27 5.55 27.64 -18.65
N ASP A 28 5.80 28.02 -17.41
CA ASP A 28 5.06 27.46 -16.28
C ASP A 28 3.55 27.66 -16.39
N TRP A 29 3.13 28.87 -16.71
CA TRP A 29 1.71 29.14 -16.84
C TRP A 29 1.15 28.41 -18.05
N ARG A 30 1.94 28.33 -19.11
CA ARG A 30 1.52 27.65 -20.33
C ARG A 30 1.19 26.19 -20.01
N GLN A 31 2.06 25.54 -19.26
CA GLN A 31 1.85 24.15 -18.87
C GLN A 31 0.64 24.05 -17.94
N PHE A 32 0.61 24.90 -16.92
CA PHE A 32 -0.50 24.90 -15.95
C PHE A 32 -1.83 25.12 -16.66
N SER A 33 -1.84 26.04 -17.62
CA SER A 33 -3.04 26.37 -18.38
C SER A 33 -3.53 25.20 -19.21
N ARG A 34 -2.61 24.49 -19.85
CA ARG A 34 -2.97 23.32 -20.66
C ARG A 34 -3.54 22.21 -19.78
N ARG A 35 -2.89 21.97 -18.65
CA ARG A 35 -3.34 20.93 -17.73
C ARG A 35 -4.68 21.27 -17.12
N MET A 36 -4.91 22.57 -16.87
CA MET A 36 -6.19 23.03 -16.33
C MET A 36 -7.28 22.66 -17.32
N ASP A 37 -7.10 23.04 -18.58
CA ASP A 37 -8.10 22.75 -19.60
C ASP A 37 -8.37 21.26 -19.73
N THR A 38 -7.32 20.46 -19.67
CA THR A 38 -7.47 19.01 -19.81
C THR A 38 -8.09 18.31 -18.61
N HIS A 39 -7.63 18.66 -17.42
CA HIS A 39 -8.10 17.99 -16.21
C HIS A 39 -9.13 18.68 -15.31
N PHE A 40 -9.30 19.98 -15.44
CA PHE A 40 -10.26 20.67 -14.57
C PHE A 40 -11.68 20.12 -14.63
N PRO A 41 -12.19 19.78 -15.83
CA PRO A 41 -13.55 19.25 -15.94
C PRO A 41 -13.77 18.06 -15.03
N LYS A 42 -12.76 17.19 -14.92
CA LYS A 42 -12.87 16.03 -14.05
C LYS A 42 -12.97 16.51 -12.61
N LEU A 43 -12.07 17.41 -12.23
CA LEU A 43 -12.05 17.97 -10.88
C LEU A 43 -13.41 18.58 -10.52
N MET A 44 -13.97 19.38 -11.43
CA MET A 44 -15.25 20.02 -11.18
C MET A 44 -16.35 18.97 -11.04
N ASN A 45 -16.36 18.00 -11.95
CA ASN A 45 -17.35 16.93 -11.95
C ASN A 45 -17.35 16.10 -10.66
N GLU A 46 -16.16 15.66 -10.24
CA GLU A 46 -16.07 14.85 -9.04
C GLU A 46 -16.51 15.65 -7.81
N LEU A 47 -16.05 16.89 -7.71
CA LEU A 47 -16.41 17.74 -6.57
C LEU A 47 -17.91 18.02 -6.53
N ASP A 48 -18.50 18.25 -7.70
CA ASP A 48 -19.93 18.52 -7.80
C ASP A 48 -20.73 17.29 -7.36
N SER A 49 -20.25 16.11 -7.73
CA SER A 49 -20.96 14.88 -7.37
C SER A 49 -20.99 14.68 -5.86
N VAL A 50 -20.09 15.34 -5.14
CA VAL A 50 -20.05 15.18 -3.69
C VAL A 50 -20.71 16.33 -2.95
N TYR A 51 -20.31 17.55 -3.28
CA TYR A 51 -20.82 18.73 -2.60
C TYR A 51 -22.05 19.38 -3.23
N GLY A 52 -22.34 19.04 -4.48
CA GLY A 52 -23.50 19.61 -5.14
C GLY A 52 -23.55 21.13 -5.10
N ASN A 53 -24.73 21.68 -4.82
CA ASN A 53 -24.93 23.13 -4.77
C ASN A 53 -24.42 23.79 -3.49
N ASN A 54 -23.49 23.16 -2.79
CA ASN A 54 -22.96 23.74 -1.55
C ASN A 54 -22.46 25.15 -1.85
N GLU A 55 -22.85 26.11 -1.03
CA GLU A 55 -22.44 27.49 -1.25
C GLU A 55 -20.92 27.69 -1.20
N ALA A 56 -20.23 26.92 -0.35
CA ALA A 56 -18.79 27.07 -0.21
C ALA A 56 -17.98 26.37 -1.32
N LEU A 57 -18.65 25.64 -2.21
CA LEU A 57 -17.94 24.92 -3.26
C LEU A 57 -17.10 25.78 -4.20
N LEU A 58 -17.74 26.76 -4.85
CA LEU A 58 -16.99 27.61 -5.76
C LEU A 58 -15.88 28.39 -5.08
N PRO A 59 -16.19 29.04 -3.93
CA PRO A 59 -15.15 29.80 -3.21
C PRO A 59 -13.97 28.89 -2.84
N MET A 60 -14.27 27.70 -2.36
CA MET A 60 -13.23 26.74 -1.97
C MET A 60 -12.41 26.37 -3.21
N LEU A 61 -13.10 26.10 -4.31
CA LEU A 61 -12.45 25.72 -5.55
C LEU A 61 -11.49 26.79 -6.08
N GLU A 62 -11.88 28.06 -6.00
CA GLU A 62 -11.01 29.12 -6.49
C GLU A 62 -9.80 29.30 -5.59
N MET A 63 -9.99 29.07 -4.31
CA MET A 63 -8.89 29.19 -3.36
C MET A 63 -7.89 28.08 -3.66
N LEU A 64 -8.41 26.86 -3.77
CA LEU A 64 -7.58 25.69 -4.07
C LEU A 64 -6.79 25.84 -5.36
N LEU A 65 -7.44 26.32 -6.42
CA LEU A 65 -6.78 26.49 -7.70
C LEU A 65 -5.72 27.59 -7.62
N ALA A 66 -5.96 28.59 -6.76
CA ALA A 66 -4.98 29.67 -6.59
C ALA A 66 -3.74 29.06 -5.94
N GLN A 67 -3.97 28.17 -4.97
CA GLN A 67 -2.88 27.48 -4.28
C GLN A 67 -2.20 26.55 -5.27
N ALA A 68 -2.99 25.93 -6.14
CA ALA A 68 -2.47 25.01 -7.14
C ALA A 68 -1.44 25.73 -8.02
N TRP A 69 -1.80 26.91 -8.51
CA TRP A 69 -0.88 27.68 -9.36
C TRP A 69 0.38 28.03 -8.60
N GLN A 70 0.23 28.64 -7.42
CA GLN A 70 1.41 29.02 -6.64
C GLN A 70 2.30 27.81 -6.40
N SER A 71 1.67 26.67 -6.08
CA SER A 71 2.42 25.45 -5.83
C SER A 71 3.21 25.00 -7.07
N TYR A 72 2.56 25.01 -8.23
CA TYR A 72 3.24 24.58 -9.45
C TYR A 72 4.32 25.59 -9.83
N SER A 73 4.02 26.87 -9.67
CA SER A 73 4.98 27.91 -10.00
C SER A 73 6.25 27.74 -9.17
N GLN A 74 6.09 27.34 -7.91
CA GLN A 74 7.23 27.15 -7.02
C GLN A 74 7.91 25.80 -7.22
N ARG A 75 7.21 24.87 -7.84
CA ARG A 75 7.72 23.53 -8.08
C ARG A 75 9.09 23.53 -8.77
N ASN A 76 10.01 22.76 -8.20
CA ASN A 76 11.37 22.65 -8.73
C ASN A 76 11.42 22.08 -10.15
N SER A 77 12.32 22.62 -10.96
CA SER A 77 12.48 22.20 -12.35
C SER A 77 12.72 20.71 -12.56
N SER A 78 13.47 20.09 -11.65
CA SER A 78 13.75 18.66 -11.75
C SER A 78 12.46 17.88 -11.65
N LEU A 79 11.60 18.32 -10.73
CA LEU A 79 10.32 17.67 -10.52
C LEU A 79 9.41 17.93 -11.73
N LYS A 80 9.50 19.14 -12.29
CA LYS A 80 8.69 19.47 -13.46
C LYS A 80 9.10 18.57 -14.62
N ASP A 81 10.37 18.19 -14.68
CA ASP A 81 10.83 17.30 -15.75
C ASP A 81 10.17 15.93 -15.56
N ILE A 82 10.04 15.50 -14.32
CA ILE A 82 9.41 14.22 -14.02
C ILE A 82 7.93 14.31 -14.37
N ASP A 83 7.32 15.48 -14.13
CA ASP A 83 5.91 15.65 -14.45
C ASP A 83 5.70 15.32 -15.92
N ILE A 84 6.51 15.91 -16.79
CA ILE A 84 6.40 15.67 -18.22
C ILE A 84 6.70 14.21 -18.56
N ALA A 85 7.72 13.66 -17.92
CA ALA A 85 8.10 12.27 -18.17
C ALA A 85 6.95 11.30 -17.89
N ARG A 86 6.26 11.48 -16.77
CA ARG A 86 5.18 10.57 -16.45
C ARG A 86 3.90 10.82 -17.23
N GLU A 87 3.73 12.04 -17.72
CA GLU A 87 2.57 12.37 -18.54
C GLU A 87 2.69 11.58 -19.83
N ASN A 88 3.92 11.48 -20.35
CA ASN A 88 4.16 10.78 -21.59
C ASN A 88 4.32 9.27 -21.39
N ASN A 89 4.54 8.85 -20.15
CA ASN A 89 4.68 7.42 -19.87
C ASN A 89 3.89 7.02 -18.62
N PRO A 90 2.55 6.95 -18.73
CA PRO A 90 1.69 6.58 -17.60
C PRO A 90 1.91 5.15 -17.11
N ASP A 91 2.50 4.30 -17.95
CA ASP A 91 2.72 2.91 -17.59
C ASP A 91 4.08 2.61 -16.94
N TRP A 92 4.77 3.63 -16.45
CA TRP A 92 6.05 3.39 -15.82
C TRP A 92 5.86 2.46 -14.62
N ILE A 93 4.68 2.54 -14.00
CA ILE A 93 4.35 1.71 -12.84
C ILE A 93 4.25 0.23 -13.18
N LEU A 94 4.04 -0.07 -14.45
CA LEU A 94 3.90 -1.46 -14.92
C LEU A 94 5.18 -2.13 -15.40
N SER A 95 6.29 -1.40 -15.39
CA SER A 95 7.56 -1.94 -15.85
C SER A 95 8.13 -3.02 -14.92
N ASN A 96 8.67 -4.08 -15.51
CA ASN A 96 9.27 -5.15 -14.72
C ASN A 96 10.54 -4.64 -14.06
N LYS A 97 10.97 -3.44 -14.47
CA LYS A 97 12.16 -2.80 -13.91
C LYS A 97 11.91 -2.38 -12.46
N GLN A 98 10.65 -2.12 -12.13
CA GLN A 98 10.28 -1.67 -10.79
C GLN A 98 10.24 -2.74 -9.70
N VAL A 99 10.91 -2.44 -8.59
CA VAL A 99 10.93 -3.32 -7.43
C VAL A 99 11.00 -2.40 -6.21
N GLY A 100 9.99 -2.48 -5.35
CA GLY A 100 9.97 -1.61 -4.20
C GLY A 100 10.34 -2.22 -2.86
N GLY A 101 10.59 -1.35 -1.90
CA GLY A 101 10.93 -1.78 -0.55
C GLY A 101 10.26 -0.81 0.41
N VAL A 102 10.02 -1.25 1.65
CA VAL A 102 9.41 -0.37 2.65
C VAL A 102 10.08 -0.59 4.00
N CYS A 103 10.29 0.49 4.75
CA CYS A 103 10.90 0.39 6.07
C CYS A 103 10.60 1.60 6.93
N TYR A 104 10.80 1.44 8.24
CA TYR A 104 10.62 2.55 9.16
C TYR A 104 12.02 3.17 9.19
N VAL A 105 12.09 4.50 9.10
CA VAL A 105 13.38 5.15 9.13
C VAL A 105 14.12 4.86 10.43
N ASP A 106 13.42 5.00 11.55
CA ASP A 106 13.99 4.77 12.86
C ASP A 106 14.41 3.32 13.14
N LEU A 107 13.51 2.38 12.87
CA LEU A 107 13.82 0.98 13.12
C LEU A 107 14.90 0.42 12.21
N PHE A 108 14.88 0.83 10.94
CA PHE A 108 15.84 0.34 9.96
C PHE A 108 17.15 1.10 9.90
N ALA A 109 17.10 2.41 10.13
CA ALA A 109 18.33 3.22 10.01
C ALA A 109 18.55 4.31 11.05
N GLY A 110 17.83 4.24 12.16
CA GLY A 110 18.01 5.25 13.19
C GLY A 110 17.32 6.57 12.90
N ASP A 111 17.76 7.25 11.83
CA ASP A 111 17.18 8.52 11.45
C ASP A 111 17.36 8.74 9.96
N LEU A 112 16.92 9.90 9.48
CA LEU A 112 17.00 10.23 8.07
C LEU A 112 18.42 10.23 7.49
N LYS A 113 19.37 10.80 8.23
CA LYS A 113 20.75 10.79 7.75
C LYS A 113 21.23 9.35 7.68
N GLY A 114 20.81 8.57 8.69
CA GLY A 114 21.19 7.16 8.71
C GLY A 114 20.59 6.45 7.53
N LEU A 115 19.36 6.83 7.18
CA LEU A 115 18.67 6.23 6.04
C LEU A 115 19.40 6.57 4.76
N LYS A 116 19.78 7.84 4.62
CA LYS A 116 20.48 8.31 3.42
C LYS A 116 21.74 7.46 3.19
N ASP A 117 22.40 7.08 4.28
CA ASP A 117 23.61 6.27 4.19
C ASP A 117 23.32 4.83 3.75
N LYS A 118 22.08 4.39 3.93
CA LYS A 118 21.68 3.03 3.55
C LYS A 118 21.31 2.91 2.08
N ILE A 119 21.23 4.05 1.40
CA ILE A 119 20.85 4.06 -0.01
C ILE A 119 21.71 3.12 -0.86
N PRO A 120 23.01 3.04 -0.57
CA PRO A 120 23.84 2.14 -1.39
C PRO A 120 23.33 0.70 -1.25
N TYR A 121 22.82 0.36 -0.07
CA TYR A 121 22.30 -0.99 0.14
C TYR A 121 21.06 -1.20 -0.73
N PHE A 122 20.21 -0.18 -0.78
CA PHE A 122 18.99 -0.28 -1.58
C PHE A 122 19.31 -0.47 -3.05
N GLN A 123 20.38 0.18 -3.53
CA GLN A 123 20.78 0.03 -4.93
C GLN A 123 21.34 -1.37 -5.12
N GLU A 124 22.08 -1.84 -4.13
CA GLU A 124 22.69 -3.17 -4.16
C GLU A 124 21.58 -4.20 -4.30
N LEU A 125 20.51 -4.00 -3.54
CA LEU A 125 19.36 -4.89 -3.56
C LEU A 125 18.64 -4.79 -4.89
N GLY A 126 18.71 -3.61 -5.50
CA GLY A 126 18.05 -3.39 -6.78
C GLY A 126 16.73 -2.64 -6.70
N LEU A 127 16.48 -1.97 -5.58
CA LEU A 127 15.24 -1.23 -5.40
C LEU A 127 15.16 0.00 -6.30
N THR A 128 13.94 0.33 -6.73
CA THR A 128 13.71 1.49 -7.57
C THR A 128 12.54 2.25 -6.97
N TYR A 129 12.08 1.77 -5.82
CA TYR A 129 10.92 2.33 -5.13
C TYR A 129 11.09 2.09 -3.63
N LEU A 130 10.98 3.15 -2.83
CA LEU A 130 11.14 3.01 -1.39
C LEU A 130 10.08 3.76 -0.60
N HIS A 131 9.28 3.01 0.16
CA HIS A 131 8.25 3.61 0.99
C HIS A 131 8.81 3.77 2.40
N LEU A 132 8.77 5.01 2.90
CA LEU A 132 9.25 5.28 4.25
C LEU A 132 8.00 5.48 5.12
N MET A 133 7.94 4.79 6.24
CA MET A 133 6.77 4.89 7.13
C MET A 133 6.58 6.29 7.71
N PRO A 134 5.38 6.59 8.26
CA PRO A 134 5.09 7.91 8.83
C PRO A 134 6.28 8.63 9.44
N LEU A 135 6.63 9.75 8.80
CA LEU A 135 7.79 10.56 9.18
C LEU A 135 7.50 11.81 9.99
N PHE A 136 6.26 12.28 9.97
CA PHE A 136 5.93 13.52 10.67
C PHE A 136 5.54 13.45 12.13
N LYS A 137 5.54 14.63 12.74
CA LYS A 137 5.23 14.77 14.16
C LYS A 137 3.95 14.06 14.57
N CYS A 138 4.02 13.35 15.69
CA CYS A 138 2.90 12.60 16.22
C CYS A 138 3.00 12.58 17.74
N PRO A 139 1.95 12.13 18.44
CA PRO A 139 1.97 12.09 19.90
C PRO A 139 3.08 11.19 20.47
N GLU A 140 3.70 11.64 21.56
CA GLU A 140 4.74 10.85 22.20
C GLU A 140 4.09 9.61 22.80
N GLY A 141 4.80 8.49 22.77
CA GLY A 141 4.26 7.26 23.33
C GLY A 141 3.46 6.46 22.32
N LYS A 142 2.13 6.60 22.34
CA LYS A 142 1.29 5.86 21.40
C LYS A 142 0.76 6.75 20.28
N SER A 143 1.11 6.37 19.05
CA SER A 143 0.68 7.11 17.87
C SER A 143 0.34 6.17 16.72
N ASP A 144 0.07 4.91 17.04
CA ASP A 144 -0.24 3.92 16.02
C ASP A 144 0.93 3.91 15.03
N GLY A 145 2.13 3.79 15.57
CA GLY A 145 3.34 3.75 14.75
C GLY A 145 3.50 4.94 13.83
N GLY A 146 3.11 6.12 14.29
CA GLY A 146 3.23 7.31 13.48
C GLY A 146 2.00 7.65 12.65
N TYR A 147 1.00 6.77 12.64
CA TYR A 147 -0.21 7.04 11.86
C TYR A 147 -1.21 8.01 12.51
N ALA A 148 -0.85 8.55 13.67
CA ALA A 148 -1.69 9.54 14.35
C ALA A 148 -0.90 10.83 14.13
N VAL A 149 -1.23 11.54 13.06
CA VAL A 149 -0.50 12.77 12.72
C VAL A 149 -0.90 14.02 13.48
N SER A 150 0.10 14.69 14.04
CA SER A 150 -0.13 15.93 14.79
C SER A 150 0.31 17.12 13.95
N SER A 151 0.99 16.82 12.84
CA SER A 151 1.47 17.84 11.91
C SER A 151 1.93 17.21 10.61
N TYR A 152 1.33 17.63 9.50
CA TYR A 152 1.69 17.10 8.18
C TYR A 152 2.93 17.76 7.60
N ARG A 153 3.52 18.71 8.31
CA ARG A 153 4.70 19.38 7.79
C ARG A 153 5.92 19.40 8.70
N ASP A 154 5.70 19.13 9.98
CA ASP A 154 6.80 19.08 10.93
C ASP A 154 7.28 17.64 11.06
N VAL A 155 8.52 17.40 10.64
CA VAL A 155 9.10 16.06 10.73
C VAL A 155 9.27 15.64 12.18
N ASN A 156 9.05 14.35 12.45
CA ASN A 156 9.25 13.82 13.79
C ASN A 156 10.70 14.17 14.15
N PRO A 157 10.89 15.03 15.16
CA PRO A 157 12.25 15.42 15.57
C PRO A 157 13.24 14.29 15.79
N ALA A 158 12.74 13.14 16.24
CA ALA A 158 13.61 11.99 16.47
C ALA A 158 14.20 11.45 15.16
N LEU A 159 13.58 11.81 14.04
CA LEU A 159 14.04 11.36 12.73
C LEU A 159 14.91 12.39 12.02
N GLY A 160 14.70 13.66 12.34
CA GLY A 160 15.46 14.71 11.71
C GLY A 160 14.63 15.96 11.45
N THR A 161 14.96 16.64 10.36
CA THR A 161 14.26 17.88 9.97
C THR A 161 13.62 17.75 8.60
N ILE A 162 12.76 18.71 8.28
CA ILE A 162 12.10 18.69 6.98
C ILE A 162 13.23 18.85 5.96
N GLY A 163 14.37 19.34 6.43
CA GLY A 163 15.53 19.52 5.58
C GLY A 163 16.21 18.20 5.25
N ASP A 164 16.36 17.33 6.25
CA ASP A 164 16.98 16.03 6.02
C ASP A 164 16.13 15.23 5.04
N LEU A 165 14.82 15.34 5.18
CA LEU A 165 13.90 14.63 4.30
C LEU A 165 14.07 15.07 2.84
N ARG A 166 14.26 16.36 2.62
CA ARG A 166 14.46 16.86 1.26
C ARG A 166 15.72 16.25 0.65
N GLU A 167 16.76 16.14 1.48
CA GLU A 167 18.02 15.57 1.03
C GLU A 167 17.86 14.09 0.73
N VAL A 168 17.10 13.40 1.57
CA VAL A 168 16.86 11.97 1.38
C VAL A 168 16.14 11.75 0.07
N ILE A 169 15.10 12.55 -0.17
CA ILE A 169 14.34 12.40 -1.40
C ILE A 169 15.21 12.70 -2.62
N ALA A 170 16.07 13.71 -2.52
CA ALA A 170 16.95 14.07 -3.64
C ALA A 170 18.00 12.98 -3.85
N ALA A 171 18.50 12.42 -2.76
CA ALA A 171 19.50 11.36 -2.85
C ALA A 171 18.86 10.12 -3.48
N LEU A 172 17.64 9.80 -3.04
CA LEU A 172 16.95 8.64 -3.58
C LEU A 172 16.85 8.78 -5.09
N HIS A 173 16.40 9.94 -5.54
CA HIS A 173 16.25 10.21 -6.96
C HIS A 173 17.59 10.06 -7.68
N GLU A 174 18.67 10.50 -7.03
CA GLU A 174 20.00 10.40 -7.64
C GLU A 174 20.36 8.92 -7.85
N ALA A 175 19.84 8.06 -6.98
CA ALA A 175 20.11 6.63 -7.08
C ALA A 175 19.09 5.89 -7.93
N GLY A 176 18.18 6.64 -8.56
CA GLY A 176 17.17 6.02 -9.39
C GLY A 176 16.08 5.37 -8.56
N ILE A 177 15.74 6.01 -7.43
CA ILE A 177 14.72 5.46 -6.54
C ILE A 177 13.58 6.44 -6.25
N SER A 178 12.35 5.99 -6.45
CA SER A 178 11.17 6.82 -6.19
C SER A 178 10.88 6.88 -4.71
N ALA A 179 10.49 8.07 -4.23
CA ALA A 179 10.18 8.26 -2.82
C ALA A 179 8.68 8.08 -2.62
N VAL A 180 8.34 7.20 -1.68
CA VAL A 180 6.94 6.91 -1.40
C VAL A 180 6.63 7.17 0.08
N VAL A 181 5.65 8.02 0.34
CA VAL A 181 5.27 8.33 1.70
C VAL A 181 3.76 8.27 1.89
N ASP A 182 3.35 8.20 3.15
CA ASP A 182 1.94 8.12 3.48
C ASP A 182 1.20 9.43 3.42
N PHE A 183 -0.04 9.36 2.95
CA PHE A 183 -0.93 10.50 2.91
C PHE A 183 -2.05 10.02 3.83
N ILE A 184 -1.93 10.34 5.10
CA ILE A 184 -2.91 9.92 6.11
C ILE A 184 -4.03 10.95 6.10
N PHE A 185 -4.89 10.87 5.08
CA PHE A 185 -5.95 11.85 4.91
C PHE A 185 -7.34 11.57 5.50
N ASN A 186 -7.52 10.43 6.17
CA ASN A 186 -8.82 10.13 6.75
C ASN A 186 -8.96 10.61 8.21
N HIS A 187 -7.83 10.85 8.87
CA HIS A 187 -7.85 11.26 10.27
C HIS A 187 -6.51 11.85 10.72
N THR A 188 -6.57 12.61 11.81
CA THR A 188 -5.37 13.23 12.38
C THR A 188 -5.33 12.80 13.84
N SER A 189 -4.24 13.10 14.53
CA SER A 189 -4.14 12.75 15.94
C SER A 189 -5.06 13.72 16.67
N ASN A 190 -5.42 13.40 17.91
CA ASN A 190 -6.29 14.29 18.67
C ASN A 190 -5.47 15.46 19.20
N GLU A 191 -4.19 15.49 18.85
CA GLU A 191 -3.30 16.55 19.28
C GLU A 191 -2.97 17.49 18.11
N HIS A 192 -3.57 17.23 16.95
CA HIS A 192 -3.34 18.08 15.80
C HIS A 192 -4.04 19.40 16.09
N GLU A 193 -3.46 20.50 15.62
CA GLU A 193 -4.04 21.82 15.85
C GLU A 193 -5.50 21.90 15.42
N TRP A 194 -5.81 21.33 14.25
CA TRP A 194 -7.17 21.36 13.73
C TRP A 194 -8.15 20.74 14.72
N ALA A 195 -7.79 19.57 15.23
CA ALA A 195 -8.61 18.84 16.19
C ALA A 195 -8.78 19.64 17.48
N GLN A 196 -7.69 20.21 17.97
CA GLN A 196 -7.72 21.01 19.18
C GLN A 196 -8.64 22.21 19.02
N ARG A 197 -8.44 22.96 17.93
CA ARG A 197 -9.24 24.14 17.66
C ARG A 197 -10.70 23.80 17.33
N CYS A 198 -10.91 22.66 16.69
CA CYS A 198 -12.28 22.28 16.35
C CYS A 198 -13.05 21.93 17.63
N ALA A 199 -12.41 21.18 18.52
CA ALA A 199 -13.04 20.77 19.77
C ALA A 199 -13.23 21.93 20.75
N ALA A 200 -12.38 22.94 20.63
CA ALA A 200 -12.45 24.10 21.51
C ALA A 200 -13.52 25.08 21.04
N GLY A 201 -14.09 24.82 19.87
CA GLY A 201 -15.13 25.69 19.35
C GLY A 201 -14.67 26.79 18.42
N ASP A 202 -13.44 26.73 17.95
CA ASP A 202 -12.93 27.74 17.03
C ASP A 202 -13.74 27.66 15.74
N PRO A 203 -14.48 28.74 15.41
CA PRO A 203 -15.31 28.77 14.20
C PRO A 203 -14.55 28.49 12.91
N LEU A 204 -13.26 28.78 12.91
CA LEU A 204 -12.45 28.56 11.73
C LEU A 204 -12.30 27.07 11.45
N PHE A 205 -12.41 26.26 12.49
CA PHE A 205 -12.29 24.81 12.32
C PHE A 205 -13.55 24.05 12.67
N ASP A 206 -14.69 24.72 12.50
CA ASP A 206 -15.97 24.09 12.78
C ASP A 206 -16.24 23.05 11.69
N ASN A 207 -16.81 21.92 12.10
CA ASN A 207 -17.17 20.85 11.18
C ASN A 207 -15.97 20.21 10.49
N PHE A 208 -14.82 20.18 11.18
CA PHE A 208 -13.63 19.57 10.59
C PHE A 208 -13.60 18.10 10.97
N TYR A 209 -14.33 17.73 12.01
CA TYR A 209 -14.41 16.35 12.46
C TYR A 209 -15.87 16.02 12.74
N TYR A 210 -16.14 14.80 13.18
CA TYR A 210 -17.52 14.38 13.49
C TYR A 210 -17.68 14.27 14.99
N ILE A 211 -18.26 15.30 15.60
CA ILE A 211 -18.45 15.32 17.04
C ILE A 211 -19.93 15.34 17.38
N PHE A 212 -20.32 14.50 18.34
CA PHE A 212 -21.71 14.41 18.73
C PHE A 212 -21.89 14.76 20.21
N PRO A 213 -23.08 15.24 20.59
CA PRO A 213 -23.36 15.61 21.98
C PRO A 213 -23.57 14.43 22.93
N ASP A 214 -23.94 13.28 22.37
CA ASP A 214 -24.19 12.09 23.17
C ASP A 214 -24.09 10.83 22.31
N ARG A 215 -24.59 9.71 22.83
CA ARG A 215 -24.54 8.44 22.11
C ARG A 215 -25.67 8.18 21.11
N ARG A 216 -26.61 9.11 20.97
CA ARG A 216 -27.72 8.90 20.03
C ARG A 216 -27.24 8.56 18.61
N MET A 217 -26.45 9.46 18.02
CA MET A 217 -25.92 9.25 16.67
C MET A 217 -24.94 8.08 16.65
N PRO A 218 -23.94 8.09 17.56
CA PRO A 218 -22.95 7.01 17.62
C PRO A 218 -23.62 5.62 17.70
N ASP A 219 -24.61 5.49 18.58
CA ASP A 219 -25.32 4.22 18.72
C ASP A 219 -25.98 3.80 17.40
N GLN A 220 -26.56 4.75 16.69
CA GLN A 220 -27.20 4.44 15.42
C GLN A 220 -26.18 4.03 14.38
N TYR A 221 -25.06 4.74 14.32
CA TYR A 221 -24.00 4.42 13.37
C TYR A 221 -23.41 3.04 13.67
N ASP A 222 -23.10 2.80 14.94
CA ASP A 222 -22.50 1.54 15.36
C ASP A 222 -23.27 0.30 14.95
N ARG A 223 -24.56 0.44 14.66
CA ARG A 223 -25.36 -0.70 14.25
C ARG A 223 -24.81 -1.32 12.96
N THR A 224 -24.14 -0.52 12.13
CA THR A 224 -23.61 -1.06 10.88
C THR A 224 -22.10 -0.89 10.66
N LEU A 225 -21.40 -0.38 11.66
CA LEU A 225 -19.95 -0.18 11.55
C LEU A 225 -19.13 -1.40 11.96
N ARG A 226 -18.08 -1.65 11.19
CA ARG A 226 -17.14 -2.74 11.45
C ARG A 226 -16.12 -2.19 12.43
N GLU A 227 -15.67 -3.01 13.37
CA GLU A 227 -14.67 -2.56 14.34
C GLU A 227 -13.28 -2.92 13.85
N ILE A 228 -12.42 -1.91 13.71
CA ILE A 228 -11.05 -2.17 13.24
C ILE A 228 -10.14 -2.63 14.37
N PHE A 229 -10.17 -1.91 15.50
CA PHE A 229 -9.36 -2.26 16.67
C PHE A 229 -10.31 -2.46 17.86
N PRO A 230 -11.10 -3.53 17.87
CA PRO A 230 -12.03 -3.77 18.98
C PRO A 230 -11.34 -3.83 20.35
N ASP A 231 -10.05 -4.14 20.36
CA ASP A 231 -9.27 -4.19 21.60
C ASP A 231 -9.28 -2.81 22.26
N GLN A 232 -9.24 -1.76 21.43
CA GLN A 232 -9.20 -0.39 21.91
C GLN A 232 -10.53 0.19 22.35
N HIS A 233 -11.57 -0.01 21.55
CA HIS A 233 -12.88 0.52 21.87
C HIS A 233 -13.93 -0.12 20.99
N PRO A 234 -15.20 -0.09 21.42
CA PRO A 234 -16.28 -0.68 20.63
C PRO A 234 -16.74 0.32 19.57
N GLY A 235 -17.36 -0.18 18.50
CA GLY A 235 -17.86 0.70 17.45
C GLY A 235 -16.82 1.62 16.84
N GLY A 236 -17.26 2.80 16.40
CA GLY A 236 -16.33 3.74 15.78
C GLY A 236 -16.26 5.09 16.45
N PHE A 237 -16.59 5.16 17.73
CA PHE A 237 -16.56 6.44 18.44
C PHE A 237 -15.87 6.38 19.78
N SER A 238 -15.32 7.52 20.19
CA SER A 238 -14.62 7.66 21.47
C SER A 238 -15.19 8.91 22.16
N GLN A 239 -15.24 8.87 23.49
CA GLN A 239 -15.78 9.99 24.24
C GLN A 239 -14.70 10.97 24.70
N LEU A 240 -15.01 12.27 24.60
CA LEU A 240 -14.08 13.30 25.02
C LEU A 240 -14.28 13.54 26.52
N GLU A 241 -13.37 14.30 27.12
CA GLU A 241 -13.48 14.60 28.54
C GLU A 241 -14.74 15.37 28.87
N ASP A 242 -15.19 16.23 27.96
CA ASP A 242 -16.40 17.00 28.23
C ASP A 242 -17.68 16.19 27.99
N GLY A 243 -17.52 14.88 27.75
CA GLY A 243 -18.69 14.04 27.55
C GLY A 243 -19.15 13.83 26.11
N ARG A 244 -18.76 14.70 25.20
CA ARG A 244 -19.15 14.55 23.80
C ARG A 244 -18.46 13.34 23.17
N TRP A 245 -18.95 12.89 22.02
CA TRP A 245 -18.34 11.75 21.34
C TRP A 245 -17.83 12.14 19.96
N VAL A 246 -16.67 11.61 19.61
CA VAL A 246 -16.05 11.90 18.33
C VAL A 246 -15.83 10.62 17.50
N TRP A 247 -16.01 10.72 16.19
CA TRP A 247 -15.82 9.57 15.32
C TRP A 247 -14.34 9.18 15.30
N THR A 248 -14.05 7.96 15.75
CA THR A 248 -12.69 7.44 15.79
C THR A 248 -12.67 6.01 15.23
N THR A 249 -12.63 5.90 13.91
CA THR A 249 -12.62 4.59 13.27
C THR A 249 -11.51 3.70 13.83
N PHE A 250 -10.33 4.29 14.01
CA PHE A 250 -9.19 3.53 14.50
C PHE A 250 -8.96 3.79 15.99
N ASN A 251 -7.74 4.14 16.39
CA ASN A 251 -7.49 4.41 17.79
C ASN A 251 -8.24 5.66 18.27
N SER A 252 -8.51 5.73 19.57
CA SER A 252 -9.21 6.87 20.14
C SER A 252 -8.45 8.18 19.95
N PHE A 253 -7.14 8.09 19.73
CA PHE A 253 -6.34 9.30 19.54
C PHE A 253 -6.23 9.68 18.06
N GLN A 254 -7.06 9.06 17.23
CA GLN A 254 -7.09 9.33 15.79
C GLN A 254 -8.52 9.75 15.44
N TRP A 255 -8.71 11.02 15.10
CA TRP A 255 -10.04 11.55 14.77
C TRP A 255 -10.30 11.66 13.27
N ASP A 256 -11.38 11.03 12.82
CA ASP A 256 -11.74 11.05 11.40
C ASP A 256 -12.06 12.46 10.94
N LEU A 257 -11.44 12.88 9.84
CA LEU A 257 -11.68 14.19 9.27
C LEU A 257 -13.04 14.16 8.58
N ASN A 258 -13.75 15.28 8.63
CA ASN A 258 -15.10 15.41 8.06
C ASN A 258 -15.11 15.94 6.62
N TYR A 259 -15.03 15.03 5.66
CA TYR A 259 -15.03 15.42 4.25
C TYR A 259 -16.36 15.93 3.73
N SER A 260 -17.39 15.94 4.56
CA SER A 260 -18.67 16.47 4.10
C SER A 260 -18.55 18.00 4.14
N ASN A 261 -17.41 18.46 4.65
CA ASN A 261 -17.10 19.89 4.72
C ASN A 261 -16.07 20.15 3.63
N PRO A 262 -16.48 20.85 2.56
CA PRO A 262 -15.53 21.13 1.46
C PRO A 262 -14.22 21.78 1.91
N TRP A 263 -14.24 22.49 3.05
CA TRP A 263 -13.02 23.12 3.52
C TRP A 263 -12.01 22.09 4.00
N VAL A 264 -12.48 20.90 4.36
CA VAL A 264 -11.58 19.83 4.79
C VAL A 264 -10.86 19.33 3.54
N PHE A 265 -11.59 19.22 2.42
CA PHE A 265 -10.95 18.78 1.17
C PHE A 265 -9.87 19.77 0.79
N ARG A 266 -10.22 21.05 0.82
CA ARG A 266 -9.27 22.11 0.47
C ARG A 266 -8.02 21.99 1.35
N ALA A 267 -8.23 21.83 2.65
CA ALA A 267 -7.13 21.72 3.59
C ALA A 267 -6.22 20.56 3.23
N MET A 268 -6.79 19.38 3.06
CA MET A 268 -5.99 18.21 2.72
C MET A 268 -5.36 18.32 1.35
N ALA A 269 -6.00 19.00 0.42
CA ALA A 269 -5.42 19.17 -0.92
C ALA A 269 -4.15 20.01 -0.76
N GLY A 270 -4.22 21.04 0.07
CA GLY A 270 -3.05 21.88 0.30
C GLY A 270 -1.90 21.05 0.85
N GLU A 271 -2.21 20.13 1.76
CA GLU A 271 -1.19 19.29 2.35
C GLU A 271 -0.57 18.38 1.29
N MET A 272 -1.40 17.95 0.33
CA MET A 272 -0.92 17.07 -0.74
C MET A 272 0.08 17.81 -1.64
N LEU A 273 -0.21 19.08 -1.91
CA LEU A 273 0.67 19.89 -2.75
C LEU A 273 2.00 20.11 -2.04
N PHE A 274 1.95 20.20 -0.71
CA PHE A 274 3.15 20.37 0.07
C PHE A 274 4.05 19.15 -0.12
N LEU A 275 3.48 17.97 0.08
CA LEU A 275 4.21 16.72 -0.07
C LEU A 275 4.71 16.58 -1.51
N ALA A 276 3.84 16.90 -2.46
CA ALA A 276 4.20 16.83 -3.87
C ALA A 276 5.47 17.61 -4.17
N ASN A 277 5.56 18.85 -3.69
CA ASN A 277 6.74 19.67 -3.95
C ASN A 277 8.00 19.26 -3.21
N LEU A 278 7.90 18.29 -2.31
CA LEU A 278 9.08 17.80 -1.61
C LEU A 278 9.78 16.85 -2.57
N GLY A 279 9.04 16.36 -3.56
CA GLY A 279 9.59 15.45 -4.52
C GLY A 279 9.03 14.05 -4.41
N VAL A 280 8.03 13.88 -3.55
CA VAL A 280 7.40 12.58 -3.38
C VAL A 280 6.85 12.10 -4.72
N ASP A 281 7.10 10.83 -5.04
CA ASP A 281 6.64 10.24 -6.30
C ASP A 281 5.29 9.54 -6.19
N ILE A 282 5.08 8.89 -5.06
CA ILE A 282 3.84 8.16 -4.82
C ILE A 282 3.33 8.40 -3.42
N LEU A 283 2.03 8.67 -3.31
CA LEU A 283 1.41 8.89 -2.01
C LEU A 283 0.56 7.68 -1.65
N ARG A 284 0.88 7.06 -0.51
CA ARG A 284 0.10 5.91 -0.07
C ARG A 284 -1.16 6.50 0.56
N MET A 285 -2.29 6.32 -0.12
CA MET A 285 -3.57 6.83 0.34
C MET A 285 -4.08 5.93 1.45
N ASP A 286 -3.77 6.32 2.68
CA ASP A 286 -4.13 5.56 3.88
C ASP A 286 -5.63 5.52 4.17
N ALA A 287 -6.14 4.33 4.46
CA ALA A 287 -7.55 4.17 4.81
C ALA A 287 -8.52 4.87 3.84
N VAL A 288 -8.33 4.66 2.54
CA VAL A 288 -9.20 5.29 1.54
C VAL A 288 -10.68 4.93 1.67
N ALA A 289 -10.96 3.75 2.22
CA ALA A 289 -12.34 3.27 2.35
C ALA A 289 -13.26 4.05 3.29
N PHE A 290 -12.66 4.67 4.31
CA PHE A 290 -13.42 5.36 5.35
C PHE A 290 -13.67 6.88 5.22
N ILE A 291 -13.24 7.51 4.14
CA ILE A 291 -13.41 8.96 4.03
C ILE A 291 -14.80 9.54 3.81
N TRP A 292 -15.82 8.70 3.84
CA TRP A 292 -17.20 9.19 3.70
C TRP A 292 -18.10 8.36 4.60
N LYS A 293 -18.97 9.06 5.34
CA LYS A 293 -19.87 8.40 6.28
C LYS A 293 -21.32 8.57 5.86
N GLN A 294 -22.14 7.57 6.18
CA GLN A 294 -23.56 7.62 5.87
C GLN A 294 -24.33 6.65 6.75
N MET A 295 -25.23 7.21 7.55
CA MET A 295 -26.06 6.43 8.45
C MET A 295 -26.75 5.30 7.70
N GLY A 296 -26.78 4.12 8.30
CA GLY A 296 -27.42 2.99 7.66
C GLY A 296 -26.47 2.16 6.80
N THR A 297 -25.28 2.68 6.56
CA THR A 297 -24.28 1.97 5.76
C THR A 297 -23.03 1.68 6.60
N SER A 298 -22.15 0.83 6.08
CA SER A 298 -20.92 0.48 6.78
C SER A 298 -19.94 1.65 6.79
N CYS A 299 -20.26 2.71 6.05
CA CYS A 299 -19.38 3.86 5.99
C CYS A 299 -18.01 3.49 5.44
N GLU A 300 -18.02 2.54 4.50
CA GLU A 300 -16.81 2.09 3.82
C GLU A 300 -17.12 2.00 2.34
N ASN A 301 -16.14 2.34 1.51
CA ASN A 301 -16.28 2.26 0.06
C ASN A 301 -17.48 2.97 -0.55
N LEU A 302 -17.99 4.02 0.11
CA LEU A 302 -19.15 4.72 -0.43
C LEU A 302 -18.75 5.51 -1.70
N PRO A 303 -19.72 5.74 -2.60
CA PRO A 303 -19.49 6.48 -3.86
C PRO A 303 -18.71 7.78 -3.70
N GLN A 304 -19.08 8.58 -2.70
CA GLN A 304 -18.42 9.86 -2.48
C GLN A 304 -16.94 9.70 -2.14
N ALA A 305 -16.58 8.59 -1.52
CA ALA A 305 -15.19 8.34 -1.15
C ALA A 305 -14.34 8.24 -2.42
N HIS A 306 -14.83 7.48 -3.39
CA HIS A 306 -14.15 7.31 -4.67
C HIS A 306 -14.06 8.64 -5.42
N ALA A 307 -15.17 9.39 -5.43
CA ALA A 307 -15.21 10.68 -6.12
C ALA A 307 -14.17 11.65 -5.57
N LEU A 308 -14.07 11.70 -4.24
CA LEU A 308 -13.11 12.58 -3.59
C LEU A 308 -11.68 12.21 -3.97
N ILE A 309 -11.41 10.91 -4.01
CA ILE A 309 -10.08 10.46 -4.38
C ILE A 309 -9.81 10.86 -5.82
N ARG A 310 -10.82 10.73 -6.69
CA ARG A 310 -10.64 11.12 -8.08
C ARG A 310 -10.41 12.64 -8.21
N ALA A 311 -10.99 13.41 -7.28
CA ALA A 311 -10.80 14.86 -7.27
C ALA A 311 -9.34 15.16 -6.90
N PHE A 312 -8.82 14.47 -5.89
CA PHE A 312 -7.43 14.65 -5.47
C PHE A 312 -6.53 14.30 -6.66
N ASN A 313 -6.89 13.26 -7.38
CA ASN A 313 -6.11 12.83 -8.54
C ASN A 313 -6.02 13.98 -9.54
N ALA A 314 -7.16 14.60 -9.81
CA ALA A 314 -7.22 15.71 -10.77
C ALA A 314 -6.30 16.84 -10.32
N VAL A 315 -6.26 17.11 -9.02
CA VAL A 315 -5.40 18.18 -8.51
C VAL A 315 -3.94 17.92 -8.87
N MET A 316 -3.50 16.66 -8.79
CA MET A 316 -2.12 16.32 -9.13
C MET A 316 -1.86 16.42 -10.64
N ARG A 317 -2.84 16.01 -11.44
CA ARG A 317 -2.69 16.07 -12.89
C ARG A 317 -2.49 17.53 -13.31
N ILE A 318 -3.02 18.44 -12.51
CA ILE A 318 -2.93 19.87 -12.76
C ILE A 318 -1.69 20.56 -12.20
N ALA A 319 -1.35 20.27 -10.95
CA ALA A 319 -0.23 20.93 -10.30
C ALA A 319 1.01 20.11 -9.97
N ALA A 320 0.97 18.80 -10.19
CA ALA A 320 2.13 17.93 -9.91
C ALA A 320 1.87 16.57 -10.57
N PRO A 321 1.85 16.55 -11.91
CA PRO A 321 1.63 15.35 -12.73
C PRO A 321 2.42 14.10 -12.35
N ALA A 322 3.60 14.29 -11.78
CA ALA A 322 4.46 13.17 -11.40
C ALA A 322 3.94 12.35 -10.22
N VAL A 323 3.11 12.96 -9.39
CA VAL A 323 2.58 12.30 -8.20
C VAL A 323 1.45 11.29 -8.46
N PHE A 324 1.74 10.02 -8.20
CA PHE A 324 0.78 8.93 -8.35
C PHE A 324 0.27 8.49 -6.99
N PHE A 325 -0.86 7.79 -6.96
CA PHE A 325 -1.46 7.32 -5.72
C PHE A 325 -1.39 5.81 -5.54
N LYS A 326 -1.12 5.36 -4.32
CA LYS A 326 -1.12 3.94 -4.00
C LYS A 326 -2.26 3.70 -3.02
N SER A 327 -3.29 3.04 -3.49
CA SER A 327 -4.46 2.77 -2.66
C SER A 327 -4.22 1.73 -1.57
N GLU A 328 -4.65 2.04 -0.36
CA GLU A 328 -4.55 1.12 0.76
C GLU A 328 -5.99 0.80 1.13
N ALA A 329 -6.53 -0.25 0.53
CA ALA A 329 -7.90 -0.68 0.79
C ALA A 329 -7.89 -2.16 1.11
N ILE A 330 -7.86 -2.49 2.40
CA ILE A 330 -7.84 -3.87 2.84
C ILE A 330 -9.27 -4.24 3.17
N VAL A 331 -10.04 -4.52 2.13
CA VAL A 331 -11.46 -4.86 2.26
C VAL A 331 -11.82 -6.00 1.30
N HIS A 332 -13.13 -6.21 1.08
CA HIS A 332 -13.59 -7.27 0.19
C HIS A 332 -13.02 -7.05 -1.21
N PRO A 333 -12.59 -8.13 -1.88
CA PRO A 333 -12.01 -8.03 -3.23
C PRO A 333 -12.82 -7.21 -4.24
N ASP A 334 -14.15 -7.29 -4.21
CA ASP A 334 -14.94 -6.52 -5.16
C ASP A 334 -14.77 -5.03 -4.89
N GLN A 335 -14.48 -4.68 -3.64
CA GLN A 335 -14.28 -3.29 -3.24
C GLN A 335 -12.85 -2.81 -3.45
N VAL A 336 -11.89 -3.69 -3.24
CA VAL A 336 -10.48 -3.36 -3.41
C VAL A 336 -10.19 -2.79 -4.80
N VAL A 337 -10.60 -3.53 -5.82
CA VAL A 337 -10.35 -3.16 -7.21
C VAL A 337 -11.02 -1.87 -7.70
N GLN A 338 -12.07 -1.43 -7.01
CA GLN A 338 -12.76 -0.20 -7.42
C GLN A 338 -11.95 1.08 -7.21
N TYR A 339 -10.97 1.03 -6.33
CA TYR A 339 -10.13 2.20 -6.06
C TYR A 339 -9.04 2.36 -7.12
N ILE A 340 -8.77 1.29 -7.85
CA ILE A 340 -7.72 1.33 -8.86
C ILE A 340 -8.19 1.79 -10.23
N GLY A 341 -7.65 2.92 -10.67
CA GLY A 341 -8.01 3.49 -11.96
C GLY A 341 -7.05 4.62 -12.28
N GLN A 342 -6.78 4.85 -13.56
CA GLN A 342 -5.85 5.90 -13.94
C GLN A 342 -6.26 7.24 -13.35
N ASP A 343 -7.56 7.47 -13.26
CA ASP A 343 -8.07 8.73 -12.72
C ASP A 343 -8.36 8.68 -11.22
N GLU A 344 -7.95 7.59 -10.56
CA GLU A 344 -8.16 7.47 -9.11
C GLU A 344 -6.80 7.09 -8.52
N CYS A 345 -6.63 5.82 -8.16
CA CYS A 345 -5.35 5.36 -7.63
C CYS A 345 -4.75 4.49 -8.73
N GLN A 346 -3.65 4.94 -9.34
CA GLN A 346 -3.04 4.18 -10.42
C GLN A 346 -2.53 2.82 -9.99
N ILE A 347 -2.19 2.68 -8.71
CA ILE A 347 -1.75 1.39 -8.19
C ILE A 347 -2.39 1.20 -6.83
N GLY A 348 -2.38 -0.03 -6.34
CA GLY A 348 -2.98 -0.31 -5.06
C GLY A 348 -2.54 -1.65 -4.51
N TYR A 349 -2.54 -1.77 -3.19
CA TYR A 349 -2.16 -3.02 -2.55
C TYR A 349 -3.06 -4.13 -3.05
N ASN A 350 -2.51 -5.34 -3.14
CA ASN A 350 -3.23 -6.51 -3.62
C ASN A 350 -3.33 -7.49 -2.43
N PRO A 351 -4.14 -7.13 -1.42
CA PRO A 351 -4.29 -7.98 -0.23
C PRO A 351 -4.78 -9.38 -0.54
N LEU A 352 -5.58 -9.52 -1.59
CA LEU A 352 -6.09 -10.84 -1.95
C LEU A 352 -4.96 -11.82 -2.28
N GLN A 353 -4.05 -11.42 -3.17
CA GLN A 353 -2.96 -12.32 -3.52
C GLN A 353 -2.13 -12.62 -2.28
N MET A 354 -1.79 -11.57 -1.53
CA MET A 354 -0.99 -11.71 -0.30
C MET A 354 -1.61 -12.70 0.69
N ALA A 355 -2.85 -12.47 1.08
CA ALA A 355 -3.50 -13.34 2.04
C ALA A 355 -3.60 -14.78 1.53
N LEU A 356 -3.79 -14.94 0.23
CA LEU A 356 -3.92 -16.28 -0.33
C LEU A 356 -2.57 -16.99 -0.43
N LEU A 357 -1.47 -16.25 -0.41
CA LEU A 357 -0.17 -16.90 -0.47
C LEU A 357 0.01 -17.62 0.86
N TRP A 358 -0.33 -16.93 1.95
CA TRP A 358 -0.21 -17.52 3.28
C TRP A 358 -1.22 -18.65 3.44
N ASN A 359 -2.42 -18.44 2.91
CA ASN A 359 -3.46 -19.47 2.96
C ASN A 359 -2.97 -20.77 2.34
N THR A 360 -2.38 -20.66 1.15
CA THR A 360 -1.91 -21.83 0.43
C THR A 360 -0.77 -22.56 1.15
N LEU A 361 0.11 -21.82 1.82
CA LEU A 361 1.17 -22.46 2.56
C LEU A 361 0.57 -23.34 3.66
N ALA A 362 -0.50 -22.84 4.28
CA ALA A 362 -1.17 -23.55 5.35
C ALA A 362 -1.91 -24.79 4.86
N THR A 363 -2.70 -24.64 3.80
CA THR A 363 -3.51 -25.73 3.28
C THR A 363 -2.80 -26.65 2.28
N ARG A 364 -1.72 -26.15 1.68
CA ARG A 364 -0.97 -26.90 0.66
C ARG A 364 -1.82 -27.02 -0.60
N GLU A 365 -2.95 -26.30 -0.63
CA GLU A 365 -3.85 -26.35 -1.77
C GLU A 365 -4.00 -24.97 -2.42
N VAL A 366 -3.68 -24.89 -3.71
CA VAL A 366 -3.72 -23.64 -4.46
C VAL A 366 -5.06 -23.23 -5.07
N ASN A 367 -6.12 -23.99 -4.76
CA ASN A 367 -7.45 -23.68 -5.30
C ASN A 367 -7.85 -22.21 -5.21
N LEU A 368 -7.82 -21.63 -4.01
CA LEU A 368 -8.19 -20.23 -3.84
C LEU A 368 -7.25 -19.29 -4.58
N LEU A 369 -5.95 -19.54 -4.46
CA LEU A 369 -4.96 -18.70 -5.13
C LEU A 369 -5.20 -18.74 -6.64
N HIS A 370 -5.38 -19.94 -7.18
CA HIS A 370 -5.62 -20.11 -8.62
C HIS A 370 -6.86 -19.33 -9.04
N GLN A 371 -7.91 -19.44 -8.23
CA GLN A 371 -9.17 -18.76 -8.50
C GLN A 371 -8.93 -17.26 -8.60
N ALA A 372 -8.21 -16.71 -7.61
CA ALA A 372 -7.92 -15.28 -7.58
C ALA A 372 -7.06 -14.84 -8.77
N LEU A 373 -6.05 -15.63 -9.11
CA LEU A 373 -5.17 -15.28 -10.23
C LEU A 373 -5.88 -15.37 -11.56
N THR A 374 -6.92 -16.20 -11.62
CA THR A 374 -7.66 -16.38 -12.85
C THR A 374 -8.71 -15.30 -13.07
N TYR A 375 -9.46 -14.98 -12.01
CA TYR A 375 -10.56 -14.04 -12.10
C TYR A 375 -10.38 -12.63 -11.54
N ARG A 376 -9.41 -12.42 -10.67
CA ARG A 376 -9.22 -11.09 -10.09
C ARG A 376 -7.81 -10.49 -10.21
N HIS A 377 -7.03 -10.94 -11.18
CA HIS A 377 -5.68 -10.37 -11.31
C HIS A 377 -5.53 -9.21 -12.29
N ASN A 378 -5.95 -9.42 -13.54
CA ASN A 378 -5.80 -8.38 -14.56
C ASN A 378 -6.58 -7.11 -14.22
N LEU A 379 -5.98 -5.96 -14.53
CA LEU A 379 -6.57 -4.65 -14.22
C LEU A 379 -6.71 -3.73 -15.44
N PRO A 380 -7.43 -2.61 -15.27
CA PRO A 380 -7.61 -1.66 -16.38
C PRO A 380 -6.23 -1.19 -16.85
N GLU A 381 -6.16 -0.66 -18.07
CA GLU A 381 -4.88 -0.18 -18.57
C GLU A 381 -4.35 0.98 -17.72
N HIS A 382 -3.04 1.13 -17.71
CA HIS A 382 -2.38 2.20 -16.96
C HIS A 382 -2.52 2.09 -15.44
N THR A 383 -2.76 0.89 -14.94
CA THR A 383 -2.88 0.66 -13.51
C THR A 383 -2.14 -0.63 -13.16
N ALA A 384 -1.78 -0.77 -11.89
CA ALA A 384 -1.07 -1.96 -11.46
C ALA A 384 -1.28 -2.28 -9.99
N TRP A 385 -1.08 -3.56 -9.66
CA TRP A 385 -1.20 -4.01 -8.28
C TRP A 385 0.15 -3.77 -7.64
N VAL A 386 0.15 -3.73 -6.31
CA VAL A 386 1.37 -3.64 -5.55
C VAL A 386 1.27 -4.99 -4.85
N ASN A 387 2.06 -5.96 -5.30
CA ASN A 387 2.03 -7.29 -4.71
C ASN A 387 3.04 -7.38 -3.58
N TYR A 388 2.62 -7.93 -2.45
CA TYR A 388 3.50 -8.04 -1.29
C TYR A 388 3.35 -9.36 -0.57
N VAL A 389 4.25 -9.61 0.39
CA VAL A 389 4.23 -10.82 1.20
C VAL A 389 3.83 -10.44 2.62
N ARG A 390 4.42 -9.36 3.11
CA ARG A 390 4.10 -8.86 4.44
C ARG A 390 4.18 -7.35 4.42
N SER A 391 3.66 -6.73 5.47
CA SER A 391 3.66 -5.27 5.59
C SER A 391 3.82 -4.96 7.06
N HIS A 392 3.77 -3.68 7.39
CA HIS A 392 3.89 -3.25 8.77
C HIS A 392 2.65 -3.67 9.55
N ASP A 393 1.60 -4.11 8.84
CA ASP A 393 0.39 -4.53 9.51
C ASP A 393 0.20 -6.03 9.60
N ASP A 394 -0.82 -6.40 10.36
CA ASP A 394 -1.23 -7.77 10.57
C ASP A 394 -1.70 -8.35 9.24
N ILE A 395 -1.92 -9.65 9.23
CA ILE A 395 -2.43 -10.32 8.04
C ILE A 395 -3.92 -10.53 8.28
N GLY A 396 -4.73 -10.08 7.33
CA GLY A 396 -6.17 -10.25 7.41
C GLY A 396 -6.55 -11.21 6.30
N TRP A 397 -7.50 -12.11 6.56
CA TRP A 397 -7.94 -13.08 5.55
C TRP A 397 -9.05 -12.49 4.69
N THR A 398 -8.68 -11.51 3.87
CA THR A 398 -9.64 -10.81 3.04
C THR A 398 -10.02 -11.43 1.69
N PHE A 399 -10.20 -12.75 1.66
CA PHE A 399 -10.63 -13.40 0.44
C PHE A 399 -12.16 -13.31 0.46
N ALA A 400 -12.81 -13.47 -0.68
CA ALA A 400 -14.27 -13.37 -0.74
C ALA A 400 -14.97 -14.65 -0.33
N ASP A 401 -15.94 -14.54 0.58
CA ASP A 401 -16.69 -15.71 1.03
C ASP A 401 -17.47 -16.28 -0.16
N GLU A 402 -17.91 -15.40 -1.05
CA GLU A 402 -18.66 -15.82 -2.22
C GLU A 402 -17.78 -16.69 -3.11
N ASP A 403 -16.53 -16.26 -3.29
CA ASP A 403 -15.58 -17.01 -4.10
C ASP A 403 -15.33 -18.37 -3.48
N ALA A 404 -15.10 -18.38 -2.18
CA ALA A 404 -14.84 -19.62 -1.46
C ALA A 404 -16.03 -20.56 -1.55
N ALA A 405 -17.25 -20.01 -1.49
CA ALA A 405 -18.44 -20.85 -1.55
C ALA A 405 -18.49 -21.62 -2.86
N TYR A 406 -17.96 -21.03 -3.93
CA TYR A 406 -17.95 -21.70 -5.24
C TYR A 406 -17.05 -22.92 -5.20
N LEU A 407 -16.10 -22.93 -4.28
CA LEU A 407 -15.17 -24.04 -4.14
C LEU A 407 -15.58 -25.01 -3.03
N GLY A 408 -16.76 -24.79 -2.46
CA GLY A 408 -17.23 -25.66 -1.39
C GLY A 408 -16.53 -25.36 -0.08
N ILE A 409 -16.04 -24.13 0.05
CA ILE A 409 -15.35 -23.72 1.26
C ILE A 409 -16.15 -22.69 2.05
N SER A 410 -16.30 -22.94 3.35
CA SER A 410 -17.02 -22.01 4.22
C SER A 410 -16.03 -20.97 4.69
N GLY A 411 -16.23 -19.73 4.26
CA GLY A 411 -15.32 -18.66 4.65
C GLY A 411 -15.06 -18.57 6.14
N TYR A 412 -16.14 -18.55 6.92
CA TYR A 412 -16.02 -18.46 8.36
C TYR A 412 -15.21 -19.59 8.98
N ASP A 413 -15.54 -20.84 8.65
CA ASP A 413 -14.80 -21.97 9.18
C ASP A 413 -13.35 -21.93 8.74
N HIS A 414 -13.12 -21.53 7.48
CA HIS A 414 -11.77 -21.49 6.94
C HIS A 414 -10.88 -20.50 7.70
N ARG A 415 -11.41 -19.32 8.00
CA ARG A 415 -10.62 -18.33 8.73
C ARG A 415 -10.29 -18.82 10.14
N GLN A 416 -11.22 -19.57 10.74
CA GLN A 416 -11.00 -20.13 12.07
C GLN A 416 -9.77 -21.03 12.00
N PHE A 417 -9.67 -21.82 10.94
CA PHE A 417 -8.52 -22.71 10.78
C PHE A 417 -7.24 -21.91 10.57
N LEU A 418 -7.27 -20.98 9.63
CA LEU A 418 -6.09 -20.17 9.32
C LEU A 418 -5.56 -19.44 10.54
N ASN A 419 -6.45 -18.89 11.34
CA ASN A 419 -6.04 -18.16 12.53
C ASN A 419 -5.38 -19.09 13.54
N ARG A 420 -5.93 -20.29 13.71
CA ARG A 420 -5.34 -21.24 14.65
C ARG A 420 -3.98 -21.69 14.14
N PHE A 421 -3.90 -21.97 12.85
CA PHE A 421 -2.65 -22.42 12.25
C PHE A 421 -1.51 -21.42 12.36
N PHE A 422 -1.78 -20.17 12.02
CA PHE A 422 -0.72 -19.17 12.06
C PHE A 422 -0.29 -18.64 13.42
N VAL A 423 -0.99 -19.01 14.48
CA VAL A 423 -0.58 -18.60 15.82
C VAL A 423 -0.14 -19.86 16.56
N ASN A 424 0.16 -20.89 15.77
CA ASN A 424 0.63 -22.18 16.26
C ASN A 424 -0.34 -22.89 17.22
N ARG A 425 -1.61 -22.95 16.83
CA ARG A 425 -2.62 -23.62 17.63
C ARG A 425 -3.25 -24.71 16.78
N PHE A 426 -2.43 -25.32 15.92
CA PHE A 426 -2.88 -26.39 15.05
C PHE A 426 -1.76 -27.41 14.97
N ASP A 427 -2.07 -28.68 15.20
CA ASP A 427 -1.06 -29.72 15.16
C ASP A 427 -0.18 -29.67 13.91
N GLY A 428 1.12 -29.64 14.10
CA GLY A 428 2.06 -29.62 13.01
C GLY A 428 2.40 -28.27 12.38
N SER A 429 1.70 -27.22 12.78
CA SER A 429 1.95 -25.91 12.20
C SER A 429 3.39 -25.46 12.39
N PHE A 430 3.95 -24.87 11.34
CA PHE A 430 5.31 -24.36 11.37
C PHE A 430 5.31 -22.86 11.66
N ALA A 431 4.12 -22.28 11.74
CA ALA A 431 3.98 -20.85 11.96
C ALA A 431 4.10 -20.44 13.43
N ARG A 432 4.74 -19.29 13.66
CA ARG A 432 4.91 -18.77 15.02
C ARG A 432 4.42 -17.32 15.07
N GLY A 433 3.17 -17.10 14.66
CA GLY A 433 2.59 -15.77 14.67
C GLY A 433 1.86 -15.45 15.97
N VAL A 434 1.35 -14.23 16.08
CA VAL A 434 0.63 -13.77 17.27
C VAL A 434 -0.74 -13.19 16.89
N PRO A 435 -1.77 -13.48 17.68
CA PRO A 435 -3.11 -12.96 17.38
C PRO A 435 -3.16 -11.44 17.40
N PHE A 436 -4.04 -10.88 16.57
CA PHE A 436 -4.22 -9.45 16.53
C PHE A 436 -5.71 -9.14 16.34
N GLN A 437 -6.29 -8.46 17.32
CA GLN A 437 -7.69 -8.10 17.29
C GLN A 437 -8.69 -9.25 17.20
N TYR A 438 -8.63 -10.19 18.12
CA TYR A 438 -9.62 -11.26 18.13
C TYR A 438 -10.91 -10.57 18.56
N ASN A 439 -11.96 -10.66 17.75
CA ASN A 439 -13.22 -10.01 18.07
C ASN A 439 -14.24 -11.05 18.53
N PRO A 440 -14.50 -11.11 19.84
CA PRO A 440 -15.46 -12.06 20.45
C PRO A 440 -16.85 -12.08 19.84
N SER A 441 -17.32 -10.93 19.37
CA SER A 441 -18.66 -10.86 18.80
C SER A 441 -18.79 -11.24 17.34
N THR A 442 -17.67 -11.38 16.64
CA THR A 442 -17.72 -11.75 15.22
C THR A 442 -16.89 -12.98 14.90
N GLY A 443 -15.93 -13.29 15.78
CA GLY A 443 -15.07 -14.44 15.57
C GLY A 443 -13.87 -14.12 14.71
N ASP A 444 -13.80 -12.87 14.24
CA ASP A 444 -12.69 -12.43 13.40
C ASP A 444 -11.40 -12.25 14.18
N CYS A 445 -10.28 -12.49 13.51
CA CYS A 445 -8.97 -12.33 14.11
C CYS A 445 -7.91 -12.23 13.02
N ARG A 446 -6.88 -11.44 13.27
CA ARG A 446 -5.80 -11.28 12.31
C ARG A 446 -4.50 -11.82 12.90
N VAL A 447 -3.48 -11.91 12.06
CA VAL A 447 -2.19 -12.45 12.49
C VAL A 447 -1.02 -11.47 12.39
N SER A 448 -0.22 -11.43 13.45
CA SER A 448 0.98 -10.60 13.49
C SER A 448 2.18 -11.54 13.45
N GLY A 449 3.30 -11.04 12.95
CA GLY A 449 4.51 -11.85 12.86
C GLY A 449 5.22 -11.58 11.55
N THR A 450 6.54 -11.75 11.54
CA THR A 450 7.31 -11.52 10.32
C THR A 450 7.17 -12.71 9.38
N ALA A 451 7.51 -12.51 8.11
CA ALA A 451 7.44 -13.57 7.13
C ALA A 451 8.25 -14.79 7.61
N ALA A 452 9.42 -14.52 8.19
CA ALA A 452 10.30 -15.57 8.67
C ALA A 452 9.70 -16.34 9.85
N ALA A 453 8.98 -15.65 10.72
CA ALA A 453 8.36 -16.30 11.88
C ALA A 453 7.18 -17.16 11.44
N LEU A 454 6.47 -16.71 10.41
CA LEU A 454 5.32 -17.42 9.90
C LEU A 454 5.65 -18.64 9.06
N VAL A 455 6.88 -18.73 8.55
CA VAL A 455 7.28 -19.88 7.74
C VAL A 455 8.06 -20.92 8.55
N GLY A 456 8.34 -20.62 9.81
CA GLY A 456 9.06 -21.56 10.66
C GLY A 456 10.55 -21.37 10.86
N LEU A 457 11.09 -20.23 10.44
CA LEU A 457 12.52 -19.97 10.59
C LEU A 457 12.98 -19.81 12.04
N ALA A 458 12.08 -19.36 12.92
CA ALA A 458 12.44 -19.16 14.31
C ALA A 458 12.91 -20.47 14.94
N GLN A 459 12.31 -21.58 14.55
CA GLN A 459 12.69 -22.89 15.09
C GLN A 459 13.55 -23.65 14.08
N ASP A 460 14.00 -22.95 13.04
CA ASP A 460 14.85 -23.54 12.02
C ASP A 460 14.21 -24.65 11.21
N ASP A 461 12.94 -24.47 10.83
CA ASP A 461 12.25 -25.46 10.02
C ASP A 461 13.10 -25.56 8.75
N PRO A 462 13.47 -26.78 8.32
CA PRO A 462 14.28 -26.89 7.11
C PRO A 462 13.64 -26.37 5.82
N HIS A 463 12.33 -26.15 5.83
CA HIS A 463 11.66 -25.64 4.63
C HIS A 463 11.45 -24.15 4.68
N ALA A 464 11.75 -23.54 5.84
CA ALA A 464 11.59 -22.11 6.05
C ALA A 464 12.13 -21.23 4.93
N VAL A 465 13.41 -21.37 4.63
CA VAL A 465 14.04 -20.57 3.59
C VAL A 465 13.35 -20.72 2.23
N ASP A 466 13.02 -21.96 1.87
CA ASP A 466 12.36 -22.22 0.60
C ASP A 466 10.96 -21.62 0.54
N ARG A 467 10.26 -21.64 1.68
CA ARG A 467 8.92 -21.06 1.72
C ARG A 467 8.98 -19.57 1.42
N ILE A 468 9.97 -18.88 2.01
CA ILE A 468 10.13 -17.44 1.80
C ILE A 468 10.38 -17.15 0.32
N LYS A 469 11.25 -17.93 -0.30
CA LYS A 469 11.57 -17.77 -1.70
C LYS A 469 10.33 -17.98 -2.56
N LEU A 470 9.54 -19.00 -2.21
CA LEU A 470 8.32 -19.28 -2.96
C LEU A 470 7.36 -18.09 -2.89
N LEU A 471 7.13 -17.57 -1.70
CA LEU A 471 6.19 -16.45 -1.54
C LEU A 471 6.64 -15.24 -2.35
N TYR A 472 7.87 -14.83 -2.18
CA TYR A 472 8.38 -13.68 -2.91
C TYR A 472 8.44 -13.89 -4.42
N SER A 473 8.67 -15.13 -4.86
CA SER A 473 8.74 -15.38 -6.30
C SER A 473 7.41 -15.05 -6.96
N ILE A 474 6.31 -15.38 -6.30
CA ILE A 474 5.00 -15.10 -6.86
C ILE A 474 4.66 -13.60 -6.91
N ALA A 475 5.06 -12.85 -5.88
CA ALA A 475 4.77 -11.42 -5.85
C ALA A 475 5.63 -10.69 -6.88
N LEU A 476 6.82 -11.22 -7.14
CA LEU A 476 7.75 -10.63 -8.10
C LEU A 476 7.47 -10.99 -9.55
N SER A 477 6.70 -12.05 -9.80
CA SER A 477 6.45 -12.48 -11.18
C SER A 477 5.00 -12.54 -11.71
N THR A 478 4.01 -12.31 -10.85
CA THR A 478 2.63 -12.36 -11.30
C THR A 478 2.22 -11.16 -12.17
N GLY A 479 2.91 -10.04 -12.01
CA GLY A 479 2.56 -8.88 -12.79
C GLY A 479 2.09 -7.77 -11.88
N GLY A 480 2.91 -6.73 -11.76
CA GLY A 480 2.59 -5.62 -10.89
C GLY A 480 3.87 -5.19 -10.22
N LEU A 481 3.80 -4.19 -9.36
CA LEU A 481 5.00 -3.69 -8.69
C LEU A 481 5.15 -4.42 -7.36
N PRO A 482 6.21 -5.25 -7.23
CA PRO A 482 6.45 -6.01 -5.99
C PRO A 482 7.01 -5.11 -4.89
N LEU A 483 6.52 -5.31 -3.67
CA LEU A 483 6.97 -4.53 -2.54
C LEU A 483 7.53 -5.45 -1.48
N ILE A 484 8.81 -5.28 -1.20
CA ILE A 484 9.52 -6.08 -0.21
C ILE A 484 9.51 -5.43 1.17
N TYR A 485 9.13 -6.21 2.19
CA TYR A 485 9.13 -5.69 3.55
C TYR A 485 10.58 -5.81 3.99
N LEU A 486 11.31 -4.71 3.95
CA LEU A 486 12.72 -4.72 4.30
C LEU A 486 13.02 -5.42 5.62
N GLY A 487 13.94 -6.36 5.56
CA GLY A 487 14.31 -7.14 6.72
C GLY A 487 14.00 -8.59 6.38
N ASP A 488 12.98 -8.77 5.54
CA ASP A 488 12.58 -10.10 5.11
C ASP A 488 13.67 -10.74 4.26
N GLU A 489 14.44 -9.91 3.55
CA GLU A 489 15.49 -10.42 2.66
C GLU A 489 16.66 -11.08 3.36
N VAL A 490 16.65 -11.12 4.70
CA VAL A 490 17.70 -11.77 5.48
C VAL A 490 17.10 -12.66 6.57
N GLY A 491 15.79 -12.87 6.50
CA GLY A 491 15.10 -13.71 7.46
C GLY A 491 14.90 -13.14 8.85
N THR A 492 14.70 -11.83 8.95
CA THR A 492 14.50 -11.18 10.24
C THR A 492 13.29 -11.76 10.98
N LEU A 493 13.50 -12.19 12.22
CA LEU A 493 12.44 -12.77 13.04
C LEU A 493 11.66 -11.71 13.83
N ASN A 494 10.69 -12.16 14.61
CA ASN A 494 9.87 -11.25 15.40
C ASN A 494 10.67 -10.50 16.47
N ASP A 495 10.11 -9.38 16.92
CA ASP A 495 10.72 -8.61 17.99
C ASP A 495 10.10 -9.24 19.23
N ASP A 496 10.61 -10.40 19.60
CA ASP A 496 10.17 -11.17 20.75
C ASP A 496 9.84 -10.36 22.00
N ASP A 497 10.51 -9.23 22.17
CA ASP A 497 10.32 -8.39 23.36
C ASP A 497 9.40 -7.17 23.21
N TRP A 498 8.57 -7.14 22.18
CA TRP A 498 7.66 -6.01 21.97
C TRP A 498 6.67 -5.85 23.12
N SER A 499 6.19 -6.98 23.64
CA SER A 499 5.21 -6.97 24.72
C SER A 499 5.72 -6.44 26.06
N GLN A 500 7.00 -6.07 26.11
CA GLN A 500 7.57 -5.55 27.34
C GLN A 500 7.52 -4.03 27.38
N ASP A 501 7.21 -3.44 26.23
CA ASP A 501 7.11 -1.98 26.11
C ASP A 501 5.65 -1.61 26.36
N SER A 502 5.40 -0.92 27.47
CA SER A 502 4.03 -0.53 27.81
C SER A 502 3.34 0.26 26.71
N ASN A 503 4.11 0.86 25.82
CA ASN A 503 3.53 1.63 24.72
C ASN A 503 3.16 0.74 23.54
N LYS A 504 3.61 -0.51 23.58
CA LYS A 504 3.36 -1.46 22.50
C LYS A 504 2.63 -2.72 22.93
N SER A 505 2.68 -3.03 24.23
CA SER A 505 2.08 -4.24 24.78
C SER A 505 0.65 -4.56 24.34
N ASP A 506 -0.14 -3.57 23.97
CA ASP A 506 -1.51 -3.84 23.56
C ASP A 506 -1.70 -3.86 22.04
N ASP A 507 -0.59 -3.91 21.30
CA ASP A 507 -0.62 -3.93 19.84
C ASP A 507 0.40 -4.95 19.31
N SER A 508 -0.04 -6.19 19.12
CA SER A 508 0.84 -7.27 18.66
C SER A 508 1.52 -7.03 17.33
N ARG A 509 1.11 -6.00 16.60
CA ARG A 509 1.73 -5.71 15.31
C ARG A 509 3.21 -5.36 15.47
N TRP A 510 3.58 -4.87 16.65
CA TRP A 510 4.98 -4.52 16.90
C TRP A 510 5.87 -5.76 16.90
N ALA A 511 5.26 -6.93 17.00
CA ALA A 511 6.02 -8.18 16.98
C ALA A 511 6.73 -8.31 15.63
N HIS A 512 6.09 -7.81 14.57
CA HIS A 512 6.69 -7.88 13.25
C HIS A 512 7.26 -6.55 12.75
N ARG A 513 7.68 -5.71 13.68
CA ARG A 513 8.29 -4.42 13.35
C ARG A 513 9.65 -4.34 14.06
N PRO A 514 10.52 -5.33 13.82
CA PRO A 514 11.85 -5.37 14.44
C PRO A 514 12.82 -4.36 13.84
N ARG A 515 13.86 -4.04 14.59
CA ARG A 515 14.88 -3.12 14.11
C ARG A 515 15.80 -3.84 13.12
N TYR A 516 16.64 -3.07 12.47
CA TYR A 516 17.62 -3.59 11.53
C TYR A 516 18.45 -4.62 12.30
N ASN A 517 18.52 -5.85 11.79
CA ASN A 517 19.31 -6.86 12.48
C ASN A 517 20.73 -6.89 11.92
N GLU A 518 21.65 -6.27 12.66
CA GLU A 518 23.05 -6.18 12.27
C GLU A 518 23.67 -7.55 11.99
N ALA A 519 23.44 -8.50 12.89
CA ALA A 519 24.00 -9.84 12.73
C ALA A 519 23.55 -10.49 11.42
N LEU A 520 22.25 -10.42 11.12
CA LEU A 520 21.72 -11.02 9.90
C LEU A 520 22.23 -10.34 8.62
N TYR A 521 22.20 -9.02 8.58
CA TYR A 521 22.67 -8.31 7.40
C TYR A 521 24.16 -8.54 7.17
N ALA A 522 24.89 -8.83 8.25
CA ALA A 522 26.32 -9.08 8.11
C ALA A 522 26.55 -10.46 7.48
N GLN A 523 25.53 -11.30 7.49
CA GLN A 523 25.64 -12.64 6.94
C GLN A 523 25.05 -12.77 5.52
N ARG A 524 24.54 -11.68 4.97
CA ARG A 524 23.90 -11.75 3.65
C ARG A 524 24.70 -12.29 2.49
N ASN A 525 26.02 -12.23 2.56
CA ASN A 525 26.85 -12.75 1.48
C ASN A 525 27.43 -14.14 1.82
N ASP A 526 26.95 -14.73 2.90
CA ASP A 526 27.41 -16.06 3.32
C ASP A 526 26.32 -17.08 3.00
N PRO A 527 26.54 -17.92 1.98
CA PRO A 527 25.59 -18.94 1.55
C PRO A 527 25.33 -20.06 2.55
N SER A 528 26.08 -20.08 3.65
CA SER A 528 25.90 -21.13 4.64
C SER A 528 24.89 -20.75 5.71
N THR A 529 24.50 -19.48 5.71
CA THR A 529 23.54 -19.00 6.69
C THR A 529 22.17 -18.83 6.04
N ALA A 530 21.14 -18.79 6.87
CA ALA A 530 19.77 -18.62 6.38
C ALA A 530 19.66 -17.24 5.74
N ALA A 531 20.29 -16.26 6.37
CA ALA A 531 20.26 -14.89 5.87
C ALA A 531 20.85 -14.80 4.46
N GLY A 532 22.01 -15.41 4.24
CA GLY A 532 22.63 -15.38 2.93
C GLY A 532 21.83 -16.11 1.87
N GLN A 533 21.29 -17.26 2.24
CA GLN A 533 20.49 -18.07 1.33
C GLN A 533 19.26 -17.30 0.87
N ILE A 534 18.55 -16.71 1.84
CA ILE A 534 17.36 -15.93 1.53
C ILE A 534 17.76 -14.73 0.67
N TYR A 535 18.76 -14.00 1.13
CA TYR A 535 19.23 -12.82 0.41
C TYR A 535 19.63 -13.11 -1.03
N GLN A 536 20.51 -14.09 -1.23
CA GLN A 536 20.96 -14.40 -2.58
C GLN A 536 19.83 -14.90 -3.47
N ASP A 537 18.88 -15.62 -2.88
CA ASP A 537 17.76 -16.11 -3.67
C ASP A 537 16.84 -14.97 -4.09
N LEU A 538 16.51 -14.09 -3.16
CA LEU A 538 15.65 -12.95 -3.51
C LEU A 538 16.36 -11.99 -4.46
N ARG A 539 17.67 -11.78 -4.24
CA ARG A 539 18.42 -10.88 -5.12
C ARG A 539 18.44 -11.41 -6.55
N HIS A 540 18.54 -12.73 -6.68
CA HIS A 540 18.57 -13.35 -7.99
C HIS A 540 17.22 -13.17 -8.70
N MET A 541 16.14 -13.41 -7.97
CA MET A 541 14.81 -13.27 -8.55
C MET A 541 14.56 -11.82 -8.95
N ILE A 542 15.08 -10.89 -8.15
CA ILE A 542 14.93 -9.48 -8.45
C ILE A 542 15.68 -9.13 -9.73
N ALA A 543 16.90 -9.66 -9.84
CA ALA A 543 17.74 -9.42 -11.02
C ALA A 543 17.07 -9.96 -12.28
N VAL A 544 16.55 -11.19 -12.19
CA VAL A 544 15.88 -11.82 -13.31
C VAL A 544 14.65 -11.02 -13.72
N ARG A 545 13.84 -10.62 -12.75
CA ARG A 545 12.63 -9.84 -13.04
C ARG A 545 12.95 -8.55 -13.77
N GLN A 546 13.93 -7.80 -13.29
CA GLN A 546 14.30 -6.52 -13.89
C GLN A 546 14.97 -6.59 -15.26
N SER A 547 15.70 -7.67 -15.53
CA SER A 547 16.37 -7.80 -16.82
C SER A 547 15.60 -8.59 -17.88
N ASN A 548 14.64 -9.40 -17.45
CA ASN A 548 13.88 -10.21 -18.39
C ASN A 548 12.55 -9.56 -18.77
N PRO A 549 12.39 -9.17 -20.05
CA PRO A 549 11.18 -8.53 -20.56
C PRO A 549 9.91 -9.38 -20.36
N ARG A 550 10.09 -10.69 -20.26
CA ARG A 550 8.95 -11.58 -20.09
C ARG A 550 8.10 -11.30 -18.87
N PHE A 551 8.64 -10.56 -17.90
CA PHE A 551 7.89 -10.24 -16.70
C PHE A 551 7.20 -8.87 -16.78
N ASP A 552 7.42 -8.16 -17.87
CA ASP A 552 6.86 -6.82 -18.02
C ASP A 552 5.33 -6.78 -18.06
N GLY A 553 4.76 -5.70 -17.53
CA GLY A 553 3.31 -5.57 -17.52
C GLY A 553 2.68 -6.24 -16.32
N GLY A 554 1.36 -6.16 -16.23
CA GLY A 554 0.68 -6.78 -15.10
C GLY A 554 -0.33 -7.86 -15.48
N ARG A 555 -0.35 -8.23 -16.75
CA ARG A 555 -1.31 -9.23 -17.20
C ARG A 555 -0.75 -10.65 -17.12
N LEU A 556 -1.62 -11.60 -16.79
CA LEU A 556 -1.20 -12.99 -16.70
C LEU A 556 -2.35 -13.93 -17.02
N VAL A 557 -1.98 -15.15 -17.38
CA VAL A 557 -2.95 -16.19 -17.71
C VAL A 557 -2.58 -17.39 -16.84
N THR A 558 -3.56 -17.95 -16.13
CA THR A 558 -3.28 -19.11 -15.28
C THR A 558 -3.15 -20.36 -16.14
N PHE A 559 -2.44 -21.35 -15.60
CA PHE A 559 -2.20 -22.60 -16.29
C PHE A 559 -2.68 -23.71 -15.36
N ASN A 560 -3.60 -24.56 -15.82
CA ASN A 560 -4.08 -25.65 -15.00
C ASN A 560 -3.01 -26.73 -14.90
N THR A 561 -2.41 -26.86 -13.73
CA THR A 561 -1.35 -27.84 -13.50
C THR A 561 -1.87 -29.24 -13.25
N ASN A 562 -3.16 -29.33 -12.94
CA ASN A 562 -3.81 -30.59 -12.64
C ASN A 562 -3.25 -31.25 -11.39
N ASN A 563 -2.59 -30.45 -10.56
CA ASN A 563 -2.05 -30.91 -9.29
C ASN A 563 -2.46 -29.85 -8.29
N LYS A 564 -3.36 -30.22 -7.37
CA LYS A 564 -3.89 -29.30 -6.38
C LYS A 564 -2.86 -28.58 -5.51
N HIS A 565 -1.61 -29.02 -5.55
CA HIS A 565 -0.55 -28.42 -4.75
C HIS A 565 0.35 -27.46 -5.54
N ILE A 566 0.19 -27.44 -6.85
CA ILE A 566 1.04 -26.61 -7.70
C ILE A 566 0.30 -25.48 -8.43
N ILE A 567 0.77 -24.25 -8.21
CA ILE A 567 0.18 -23.10 -8.87
C ILE A 567 0.88 -22.89 -10.22
N GLY A 568 0.13 -22.47 -11.23
CA GLY A 568 0.72 -22.25 -12.54
C GLY A 568 0.16 -21.04 -13.25
N TYR A 569 1.03 -20.26 -13.88
CA TYR A 569 0.58 -19.08 -14.61
C TYR A 569 1.58 -18.67 -15.68
N ILE A 570 1.12 -17.97 -16.70
CA ILE A 570 1.98 -17.57 -17.81
C ILE A 570 2.03 -16.06 -18.01
N ARG A 571 3.24 -15.53 -18.18
CA ARG A 571 3.45 -14.11 -18.41
C ARG A 571 3.85 -13.87 -19.86
N ASN A 572 3.22 -12.90 -20.50
CA ASN A 572 3.51 -12.55 -21.88
C ASN A 572 3.68 -13.74 -22.81
N ASN A 573 2.91 -14.79 -22.55
CA ASN A 573 2.95 -15.99 -23.38
C ASN A 573 4.38 -16.51 -23.61
N ALA A 574 5.28 -16.24 -22.67
CA ALA A 574 6.68 -16.67 -22.83
C ALA A 574 7.32 -17.18 -21.55
N LEU A 575 6.69 -16.91 -20.42
CA LEU A 575 7.22 -17.34 -19.13
C LEU A 575 6.19 -18.18 -18.39
N LEU A 576 6.52 -19.45 -18.17
CA LEU A 576 5.65 -20.38 -17.45
C LEU A 576 6.20 -20.57 -16.05
N ALA A 577 5.48 -20.08 -15.05
CA ALA A 577 5.92 -20.21 -13.66
C ALA A 577 5.15 -21.31 -12.93
N PHE A 578 5.88 -22.12 -12.18
CA PHE A 578 5.29 -23.20 -11.39
C PHE A 578 5.73 -23.03 -9.94
N GLY A 579 4.80 -23.21 -9.01
CA GLY A 579 5.13 -23.10 -7.60
C GLY A 579 4.52 -24.22 -6.78
N ASN A 580 5.36 -25.05 -6.18
CA ASN A 580 4.90 -26.17 -5.36
C ASN A 580 4.68 -25.72 -3.93
N PHE A 581 3.42 -25.75 -3.47
CA PHE A 581 3.10 -25.34 -2.11
C PHE A 581 3.03 -26.51 -1.14
N SER A 582 3.54 -27.66 -1.58
CA SER A 582 3.56 -28.85 -0.76
C SER A 582 4.97 -29.08 -0.25
N GLU A 583 5.09 -29.62 0.97
CA GLU A 583 6.40 -29.90 1.54
C GLU A 583 6.91 -31.24 1.00
N TYR A 584 6.17 -31.80 0.04
CA TYR A 584 6.55 -33.07 -0.58
C TYR A 584 6.73 -32.88 -2.08
N PRO A 585 7.50 -33.77 -2.73
CA PRO A 585 7.68 -33.61 -4.18
C PRO A 585 6.32 -33.66 -4.86
N GLN A 586 6.10 -32.81 -5.84
CA GLN A 586 4.83 -32.80 -6.57
C GLN A 586 5.11 -32.82 -8.06
N THR A 587 4.27 -33.53 -8.80
CA THR A 587 4.44 -33.70 -10.24
C THR A 587 3.42 -33.08 -11.17
N VAL A 588 3.90 -32.56 -12.30
CA VAL A 588 3.05 -32.03 -13.36
C VAL A 588 3.27 -33.07 -14.47
N THR A 589 2.20 -33.73 -14.89
CA THR A 589 2.33 -34.78 -15.91
C THR A 589 2.72 -34.33 -17.31
N ALA A 590 3.34 -35.25 -18.06
CA ALA A 590 3.73 -34.98 -19.43
C ALA A 590 2.49 -34.62 -20.22
N HIS A 591 1.37 -35.26 -19.88
CA HIS A 591 0.11 -35.01 -20.55
C HIS A 591 -0.33 -33.54 -20.41
N THR A 592 -0.16 -33.00 -19.20
CA THR A 592 -0.54 -31.62 -18.92
C THR A 592 0.36 -30.65 -19.69
N LEU A 593 1.61 -31.03 -19.92
CA LEU A 593 2.60 -30.20 -20.61
C LEU A 593 2.74 -30.36 -22.12
N GLN A 594 1.89 -31.20 -22.73
CA GLN A 594 1.96 -31.44 -24.18
C GLN A 594 2.09 -30.22 -25.09
N ALA A 595 1.44 -29.12 -24.73
CA ALA A 595 1.48 -27.92 -25.57
C ALA A 595 2.75 -27.08 -25.46
N MET A 596 3.60 -27.43 -24.50
CA MET A 596 4.86 -26.69 -24.26
C MET A 596 6.04 -27.25 -25.03
N PRO A 597 7.06 -26.40 -25.31
CA PRO A 597 8.24 -26.86 -26.04
C PRO A 597 8.85 -28.03 -25.27
N PHE A 598 9.50 -28.95 -25.98
CA PHE A 598 10.07 -30.12 -25.33
C PHE A 598 11.14 -29.79 -24.28
N LYS A 599 11.79 -28.65 -24.44
CA LYS A 599 12.82 -28.22 -23.49
C LYS A 599 12.62 -26.75 -23.17
N ALA A 600 12.90 -26.38 -21.93
CA ALA A 600 12.76 -24.99 -21.51
C ALA A 600 13.76 -24.68 -20.42
N HIS A 601 14.32 -23.48 -20.48
CA HIS A 601 15.30 -23.03 -19.49
C HIS A 601 14.59 -22.50 -18.23
N ASP A 602 15.05 -22.94 -17.06
CA ASP A 602 14.47 -22.48 -15.81
C ASP A 602 15.34 -21.36 -15.25
N LEU A 603 14.74 -20.17 -15.13
CA LEU A 603 15.45 -18.99 -14.62
C LEU A 603 15.79 -19.06 -13.14
N ILE A 604 15.06 -19.88 -12.40
CA ILE A 604 15.31 -20.01 -10.97
C ILE A 604 16.57 -20.83 -10.73
N GLY A 605 16.54 -22.11 -11.12
CA GLY A 605 17.69 -22.98 -10.93
C GLY A 605 18.76 -22.91 -12.01
N GLY A 606 18.42 -22.30 -13.15
CA GLY A 606 19.39 -22.17 -14.22
C GLY A 606 19.60 -23.39 -15.10
N LYS A 607 18.77 -24.41 -14.96
CA LYS A 607 18.92 -25.63 -15.76
C LYS A 607 17.89 -25.71 -16.87
N THR A 608 18.16 -26.57 -17.85
CA THR A 608 17.24 -26.80 -18.95
C THR A 608 16.33 -27.92 -18.47
N VAL A 609 15.01 -27.67 -18.52
CA VAL A 609 14.03 -28.65 -18.07
C VAL A 609 13.29 -29.31 -19.22
N SER A 610 13.08 -30.62 -19.12
CA SER A 610 12.36 -31.35 -20.16
C SER A 610 10.86 -31.23 -19.84
N LEU A 611 10.07 -30.83 -20.83
CA LEU A 611 8.65 -30.67 -20.63
C LEU A 611 7.84 -31.67 -21.45
N ASN A 612 8.55 -32.61 -22.08
CA ASN A 612 7.90 -33.64 -22.90
C ASN A 612 7.84 -34.94 -22.11
N GLN A 613 7.85 -34.81 -20.79
CA GLN A 613 7.79 -35.93 -19.86
C GLN A 613 7.32 -35.36 -18.53
N ASP A 614 7.06 -36.22 -17.55
CA ASP A 614 6.62 -35.75 -16.24
C ASP A 614 7.63 -34.78 -15.66
N LEU A 615 7.14 -33.73 -15.03
CA LEU A 615 7.98 -32.72 -14.40
C LEU A 615 7.71 -32.79 -12.91
N THR A 616 8.73 -33.17 -12.14
CA THR A 616 8.59 -33.29 -10.69
C THR A 616 9.29 -32.14 -9.98
N LEU A 617 8.53 -31.42 -9.16
CA LEU A 617 9.07 -30.30 -8.41
C LEU A 617 9.38 -30.73 -6.99
N GLN A 618 10.53 -30.31 -6.48
CA GLN A 618 10.91 -30.63 -5.12
C GLN A 618 10.07 -29.79 -4.18
N PRO A 619 10.03 -30.16 -2.90
CA PRO A 619 9.24 -29.38 -1.93
C PRO A 619 9.44 -27.88 -2.10
N TYR A 620 8.35 -27.12 -2.18
CA TYR A 620 8.40 -25.67 -2.32
C TYR A 620 9.25 -25.12 -3.46
N GLN A 621 9.60 -25.96 -4.43
CA GLN A 621 10.41 -25.46 -5.54
C GLN A 621 9.61 -24.55 -6.47
N VAL A 622 10.28 -23.54 -7.01
CA VAL A 622 9.66 -22.60 -7.95
C VAL A 622 10.42 -22.65 -9.26
N MET A 623 9.70 -22.70 -10.37
CA MET A 623 10.32 -22.71 -11.70
C MET A 623 9.78 -21.58 -12.57
N TRP A 624 10.71 -20.88 -13.23
CA TRP A 624 10.37 -19.80 -14.14
C TRP A 624 10.91 -20.28 -15.48
N LEU A 625 10.03 -20.92 -16.24
CA LEU A 625 10.39 -21.52 -17.53
C LEU A 625 10.16 -20.61 -18.73
N GLU A 626 11.22 -20.36 -19.49
CA GLU A 626 11.09 -19.54 -20.69
C GLU A 626 10.58 -20.44 -21.81
N ILE A 627 9.28 -20.34 -22.09
CA ILE A 627 8.67 -21.16 -23.15
C ILE A 627 8.61 -20.42 -24.48
N ALA A 628 9.06 -19.17 -24.48
CA ALA A 628 9.10 -18.38 -25.70
C ALA A 628 10.15 -17.30 -25.53
C1 GLC B . -3.88 -9.91 21.05
C2 GLC B . -5.19 -9.59 20.29
C3 GLC B . -6.41 -9.74 21.23
C4 GLC B . -6.45 -11.15 21.76
C5 GLC B . -5.16 -11.45 22.54
C6 GLC B . -5.15 -12.89 23.09
O2 GLC B . -5.07 -8.26 19.77
O3 GLC B . -7.59 -9.44 20.50
O4 GLC B . -7.62 -11.29 22.62
O5 GLC B . -4.00 -11.26 21.63
O6 GLC B . -4.96 -13.82 22.03
C1 FRU B . -1.98 -7.15 21.64
C2 FRU B . -2.31 -8.45 22.38
C3 FRU B . -2.20 -8.33 23.94
C4 FRU B . -1.73 -9.71 24.33
C5 FRU B . -0.70 -9.93 23.21
C6 FRU B . -0.19 -11.33 22.99
O1 FRU B . -2.34 -7.30 20.26
O2 FRU B . -3.67 -8.92 22.09
O3 FRU B . -3.42 -7.98 24.56
O4 FRU B . -1.13 -9.65 25.63
O5 FRU B . -1.37 -9.44 22.04
O6 FRU B . -1.22 -12.22 22.68
C1 GLC C . -7.75 42.82 -12.94
C2 GLC C . -7.61 43.11 -11.43
C3 GLC C . -6.44 44.09 -11.17
C4 GLC C . -5.19 43.50 -11.70
C5 GLC C . -5.32 43.24 -13.21
C6 GLC C . -4.05 42.62 -13.79
O2 GLC C . -8.86 43.62 -10.95
O3 GLC C . -6.34 44.33 -9.78
O4 GLC C . -4.08 44.41 -11.44
O5 GLC C . -6.46 42.33 -13.44
O6 GLC C . -3.88 41.26 -13.30
C1 FRU C . -10.57 43.87 -14.28
C2 FRU C . -9.12 43.88 -14.78
C3 FRU C . -8.79 45.03 -15.79
C4 FRU C . -7.73 44.38 -16.65
C5 FRU C . -8.40 43.01 -16.82
C6 FRU C . -7.59 41.88 -17.40
O1 FRU C . -11.47 43.88 -15.38
O2 FRU C . -8.18 44.02 -13.65
O3 FRU C . -8.33 46.21 -15.14
O4 FRU C . -7.59 45.07 -17.89
O5 FRU C . -8.86 42.70 -15.50
O6 FRU C . -6.20 42.02 -17.18
C1 GLC D . -26.10 18.73 9.11
C2 GLC D . -26.45 20.24 9.05
C3 GLC D . -26.16 20.93 10.38
C4 GLC D . -26.94 20.27 11.47
C5 GLC D . -26.54 18.79 11.56
C6 GLC D . -27.34 18.07 12.66
O2 GLC D . -25.73 20.82 7.94
O3 GLC D . -26.52 22.29 10.27
O4 GLC D . -26.68 20.94 12.74
O5 GLC D . -26.81 18.15 10.25
O6 GLC D . -28.71 17.93 12.26
C1 FRU D . -23.97 17.99 6.91
C2 FRU D . -24.00 17.54 8.37
C3 FRU D . -22.60 17.25 9.00
C4 FRU D . -22.87 16.08 9.92
C5 FRU D . -23.89 15.31 9.08
C6 FRU D . -24.77 14.33 9.81
O1 FRU D . -23.45 19.32 6.87
O2 FRU D . -24.66 18.55 9.23
O3 FRU D . -22.06 18.37 9.69
O4 FRU D . -21.66 15.35 10.13
O5 FRU D . -24.70 16.31 8.46
O6 FRU D . -25.71 14.99 10.63
C TRS E . -4.06 2.99 9.69
C1 TRS E . -5.15 2.99 8.60
C2 TRS E . -4.28 1.79 10.64
C3 TRS E . -4.10 4.30 10.52
N TRS E . -2.75 2.88 9.05
O1 TRS E . -5.08 1.74 7.81
O2 TRS E . -3.09 1.60 11.49
O3 TRS E . -3.88 5.46 9.64
#